data_3C4N
#
_entry.id   3C4N
#
_cell.length_a   83.627
_cell.length_b   67.829
_cell.length_c   83.645
_cell.angle_alpha   90.00
_cell.angle_beta   91.14
_cell.angle_gamma   90.00
#
_symmetry.space_group_name_H-M   'P 1 21 1'
#
loop_
_entity.id
_entity.type
_entity.pdbx_description
1 polymer 'Uncharacterized protein DR_0571'
2 non-polymer "ADENOSINE-5'-DIPHOSPHATE"
3 water water
#
_entity_poly.entity_id   1
_entity_poly.type   'polypeptide(L)'
_entity_poly.pdbx_seq_one_letter_code
;(MSE)TGPEPVPAGPPPDPTPPRRAGSVWAHVGQHFTEEAFDIVVIGAGR(MSE)GAACAFYLRQLAPGRSLLLVEEGGL
PNEEGATILAPGVWTAQDIPAGQEAQAEWTREQLLGALGSGKTLEVEDRPLLHLLPAGEGSGLTPTLDALADFPEALALL
DPARLPVARVDPRALTYRPGSLALLAAQQAIGQGAGLLLNTRAELVPGGVRLHRLTVTNTHQIVVHETRQIRAGVIIVAA
GAAGPALVEQGLGLHTRHGRAYRQFPRLDLLSGAQTPVLRASGLTLRPQNGGYTLVPAIHHRDPHGYHPAGGSLTGVPTG
LRRELLEDLVGL(MSE)DAVPALAGEGLELGRSSADVPGAWLALPGGRPDAPPQAEELAPGLHLLLGGPLADTLGLAAAH
ELAQRVSASLEHHHHHH
;
_entity_poly.pdbx_strand_id   A,B
#
# COMPACT_ATOMS: atom_id res chain seq x y z
N GLU A 34 -17.52 -8.31 12.84
CA GLU A 34 -17.36 -6.84 12.60
C GLU A 34 -17.34 -6.55 11.10
N GLU A 35 -16.37 -5.76 10.65
CA GLU A 35 -16.23 -5.40 9.23
C GLU A 35 -16.00 -6.68 8.42
N ALA A 36 -16.46 -6.70 7.18
CA ALA A 36 -16.33 -7.89 6.36
C ALA A 36 -15.97 -7.61 4.91
N PHE A 37 -15.33 -8.59 4.25
CA PHE A 37 -14.93 -8.47 2.85
C PHE A 37 -15.37 -9.73 2.09
N ASP A 38 -15.58 -9.60 0.80
CA ASP A 38 -15.99 -10.77 0.04
C ASP A 38 -14.80 -11.72 -0.12
N ILE A 39 -13.63 -11.13 -0.31
CA ILE A 39 -12.43 -11.91 -0.53
C ILE A 39 -11.25 -11.41 0.27
N VAL A 40 -10.55 -12.30 0.95
CA VAL A 40 -9.36 -11.88 1.70
C VAL A 40 -8.16 -12.68 1.20
N VAL A 41 -7.13 -11.99 0.73
CA VAL A 41 -5.93 -12.65 0.26
C VAL A 41 -4.81 -12.42 1.27
N ILE A 42 -4.27 -13.53 1.79
CA ILE A 42 -3.18 -13.49 2.77
C ILE A 42 -1.87 -13.75 2.05
N GLY A 43 -0.98 -12.77 2.05
CA GLY A 43 0.30 -12.91 1.39
C GLY A 43 0.42 -12.04 0.15
N ALA A 44 1.36 -11.09 0.16
CA ALA A 44 1.53 -10.23 -0.98
C ALA A 44 2.77 -10.52 -1.80
N GLY A 45 3.22 -11.78 -1.83
CA GLY A 45 4.38 -12.14 -2.62
C GLY A 45 3.93 -12.34 -4.06
N ARG A 46 4.75 -12.95 -4.92
CA ARG A 46 4.36 -13.15 -6.31
C ARG A 46 3.00 -13.82 -6.50
N GLY A 48 0.24 -14.37 -4.09
CA GLY A 48 -0.88 -13.61 -3.58
C GLY A 48 -1.12 -12.30 -4.32
N ALA A 49 -0.04 -11.61 -4.62
CA ALA A 49 -0.15 -10.36 -5.35
C ALA A 49 -0.75 -10.59 -6.73
N ALA A 50 -0.35 -11.66 -7.41
CA ALA A 50 -0.88 -11.92 -8.75
C ALA A 50 -2.36 -12.31 -8.68
N CYS A 51 -2.69 -13.15 -7.70
CA CYS A 51 -4.05 -13.61 -7.50
C CYS A 51 -4.96 -12.43 -7.18
N ALA A 52 -4.50 -11.52 -6.32
CA ALA A 52 -5.30 -10.34 -5.97
C ALA A 52 -5.53 -9.47 -7.19
N PHE A 53 -4.51 -9.39 -8.05
CA PHE A 53 -4.63 -8.61 -9.27
C PHE A 53 -5.70 -9.22 -10.20
N TYR A 54 -5.58 -10.52 -10.48
CA TYR A 54 -6.54 -11.17 -11.36
C TYR A 54 -7.95 -11.14 -10.80
N LEU A 55 -8.10 -11.21 -9.48
CA LEU A 55 -9.42 -11.15 -8.89
C LEU A 55 -10.02 -9.76 -9.05
N ARG A 56 -9.18 -8.73 -9.02
CA ARG A 56 -9.70 -7.35 -9.16
C ARG A 56 -10.23 -7.12 -10.57
N GLN A 57 -9.68 -7.85 -11.54
CA GLN A 57 -10.14 -7.69 -12.90
C GLN A 57 -11.26 -8.66 -13.26
N LEU A 58 -11.26 -9.83 -12.61
CA LEU A 58 -12.30 -10.83 -12.85
C LEU A 58 -13.58 -10.53 -12.06
N ALA A 59 -13.43 -10.04 -10.84
CA ALA A 59 -14.58 -9.72 -9.99
C ALA A 59 -14.42 -8.35 -9.32
N PRO A 60 -14.37 -7.28 -10.13
CA PRO A 60 -14.21 -5.93 -9.59
C PRO A 60 -15.30 -5.52 -8.59
N GLY A 61 -16.46 -6.17 -8.68
CA GLY A 61 -17.56 -5.85 -7.79
C GLY A 61 -17.49 -6.56 -6.45
N ARG A 62 -16.47 -7.38 -6.27
CA ARG A 62 -16.29 -8.13 -5.04
C ARG A 62 -15.13 -7.55 -4.24
N SER A 63 -15.44 -6.91 -3.12
CA SER A 63 -14.42 -6.30 -2.27
C SER A 63 -13.36 -7.35 -1.92
N LEU A 64 -12.10 -6.91 -1.91
CA LEU A 64 -10.96 -7.78 -1.61
C LEU A 64 -9.97 -7.08 -0.71
N LEU A 65 -9.49 -7.76 0.32
CA LEU A 65 -8.51 -7.18 1.26
C LEU A 65 -7.19 -7.96 1.14
N LEU A 66 -6.09 -7.26 0.89
CA LEU A 66 -4.79 -7.90 0.78
C LEU A 66 -4.03 -7.70 2.10
N VAL A 67 -3.62 -8.80 2.73
CA VAL A 67 -2.90 -8.72 4.00
C VAL A 67 -1.48 -9.28 3.90
N GLU A 68 -0.53 -8.48 4.33
CA GLU A 68 0.86 -8.86 4.28
C GLU A 68 1.51 -8.48 5.61
N GLU A 69 2.30 -9.38 6.17
CA GLU A 69 2.94 -9.08 7.45
C GLU A 69 4.21 -8.27 7.28
N GLY A 70 4.77 -8.29 6.09
CA GLY A 70 5.96 -7.52 5.83
C GLY A 70 5.56 -6.25 5.11
N GLY A 71 6.47 -5.70 4.33
CA GLY A 71 6.16 -4.49 3.60
C GLY A 71 5.96 -4.80 2.12
N LEU A 72 5.77 -3.75 1.33
CA LEU A 72 5.56 -3.91 -0.10
C LEU A 72 6.57 -3.09 -0.90
N PRO A 73 7.55 -3.75 -1.53
CA PRO A 73 7.77 -5.20 -1.55
C PRO A 73 8.24 -5.73 -0.19
N ASN A 74 8.48 -7.03 -0.12
CA ASN A 74 8.98 -7.64 1.10
C ASN A 74 10.28 -8.35 0.78
N GLU A 75 11.43 -7.75 1.14
CA GLU A 75 12.71 -8.39 0.81
C GLU A 75 13.06 -9.51 1.78
N GLU A 76 12.09 -9.91 2.59
CA GLU A 76 12.26 -11.00 3.53
C GLU A 76 11.49 -12.20 3.01
N GLY A 77 11.03 -12.12 1.76
CA GLY A 77 10.28 -13.22 1.17
C GLY A 77 11.03 -14.00 0.11
N ALA A 78 10.40 -15.06 -0.40
CA ALA A 78 11.01 -15.91 -1.43
C ALA A 78 10.98 -15.24 -2.80
N THR A 79 9.87 -14.57 -3.09
CA THR A 79 9.69 -13.90 -4.36
C THR A 79 10.85 -12.97 -4.75
N ILE A 80 11.37 -12.25 -3.78
CA ILE A 80 12.46 -11.31 -4.02
C ILE A 80 13.76 -11.98 -4.46
N LEU A 81 14.08 -13.16 -3.92
CA LEU A 81 15.32 -13.87 -4.27
C LEU A 81 15.17 -14.84 -5.44
N ALA A 82 13.93 -15.14 -5.82
CA ALA A 82 13.72 -16.06 -6.93
C ALA A 82 14.49 -15.57 -8.16
N PRO A 83 15.16 -16.47 -8.88
CA PRO A 83 15.92 -16.04 -10.06
C PRO A 83 15.08 -15.55 -11.23
N GLY A 84 13.78 -15.84 -11.22
CA GLY A 84 12.93 -15.41 -12.33
C GLY A 84 13.34 -15.95 -13.69
N VAL A 85 13.46 -17.27 -13.78
CA VAL A 85 13.84 -17.91 -15.05
C VAL A 85 12.67 -18.67 -15.66
N TRP A 86 12.21 -18.25 -16.83
CA TRP A 86 11.15 -18.96 -17.49
C TRP A 86 11.83 -19.85 -18.52
N THR A 87 11.68 -21.15 -18.37
CA THR A 87 12.30 -22.08 -19.31
C THR A 87 11.42 -23.28 -19.61
N ALA A 88 11.36 -23.66 -20.89
CA ALA A 88 10.56 -24.79 -21.30
C ALA A 88 11.05 -26.08 -20.63
N GLN A 89 12.19 -26.01 -19.97
CA GLN A 89 12.72 -27.22 -19.30
C GLN A 89 12.14 -27.36 -17.90
N ASP A 90 11.38 -26.37 -17.46
CA ASP A 90 10.79 -26.45 -16.15
C ASP A 90 9.30 -26.73 -16.26
N ILE A 91 8.87 -27.23 -17.41
CA ILE A 91 7.48 -27.56 -17.64
C ILE A 91 7.25 -29.05 -17.45
N PRO A 92 6.53 -29.45 -16.39
CA PRO A 92 6.26 -30.87 -16.18
C PRO A 92 5.31 -31.28 -17.30
N ALA A 93 5.15 -32.59 -17.52
CA ALA A 93 4.27 -33.08 -18.58
C ALA A 93 2.81 -32.76 -18.28
N GLY A 94 2.15 -32.10 -19.23
CA GLY A 94 0.75 -31.75 -19.05
C GLY A 94 0.54 -30.32 -18.61
N GLN A 95 1.61 -29.62 -18.28
CA GLN A 95 1.49 -28.24 -17.86
C GLN A 95 1.89 -27.20 -18.93
N GLU A 96 1.92 -27.62 -20.20
CA GLU A 96 2.26 -26.73 -21.31
C GLU A 96 1.33 -25.52 -21.41
N ALA A 97 0.04 -25.69 -21.13
CA ALA A 97 -0.88 -24.57 -21.22
C ALA A 97 -0.56 -23.49 -20.17
N GLN A 98 -0.35 -23.93 -18.94
CA GLN A 98 -0.02 -23.02 -17.85
C GLN A 98 1.30 -22.28 -18.10
N ALA A 99 2.29 -23.02 -18.61
CA ALA A 99 3.59 -22.45 -18.88
C ALA A 99 3.56 -21.36 -19.96
N GLU A 100 2.85 -21.62 -21.04
CA GLU A 100 2.80 -20.66 -22.13
C GLU A 100 1.97 -19.43 -21.77
N TRP A 101 0.88 -19.64 -21.05
CA TRP A 101 0.02 -18.55 -20.63
C TRP A 101 0.83 -17.63 -19.73
N THR A 102 1.58 -18.23 -18.80
CA THR A 102 2.42 -17.45 -17.89
C THR A 102 3.45 -16.67 -18.70
N ARG A 103 4.03 -17.31 -19.71
CA ARG A 103 5.05 -16.64 -20.52
C ARG A 103 4.46 -15.41 -21.21
N GLU A 104 3.27 -15.57 -21.79
CA GLU A 104 2.58 -14.49 -22.48
C GLU A 104 2.30 -13.33 -21.54
N GLN A 105 1.87 -13.63 -20.32
CA GLN A 105 1.59 -12.62 -19.32
C GLN A 105 2.85 -11.79 -19.05
N LEU A 106 3.97 -12.49 -18.84
CA LEU A 106 5.26 -11.88 -18.58
C LEU A 106 5.62 -10.84 -19.65
N LEU A 107 5.69 -11.27 -20.90
CA LEU A 107 6.04 -10.35 -21.99
C LEU A 107 5.00 -9.23 -22.18
N GLY A 108 3.76 -9.48 -21.77
CA GLY A 108 2.73 -8.47 -21.91
C GLY A 108 2.52 -7.69 -20.62
N ALA A 109 3.39 -7.91 -19.65
CA ALA A 109 3.31 -7.25 -18.35
C ALA A 109 1.91 -7.36 -17.71
N LEU A 110 1.29 -8.54 -17.86
CA LEU A 110 -0.05 -8.81 -17.30
C LEU A 110 -1.12 -8.03 -18.04
N GLY A 111 -0.74 -7.42 -19.15
CA GLY A 111 -1.68 -6.63 -19.93
C GLY A 111 -2.13 -5.38 -19.21
N SER A 112 -1.23 -4.76 -18.46
CA SER A 112 -1.55 -3.55 -17.69
C SER A 112 -0.96 -2.29 -18.30
N GLY A 113 -0.47 -2.39 -19.52
CA GLY A 113 0.15 -1.23 -20.15
C GLY A 113 1.34 -0.75 -19.36
N LYS A 114 1.77 -1.53 -18.37
CA LYS A 114 2.91 -1.15 -17.55
C LYS A 114 4.22 -1.75 -18.07
N THR A 115 5.32 -1.34 -17.44
CA THR A 115 6.64 -1.80 -17.82
C THR A 115 7.13 -2.95 -16.94
N LEU A 116 7.55 -4.02 -17.59
CA LEU A 116 8.07 -5.20 -16.90
C LEU A 116 9.30 -5.68 -17.66
N GLU A 117 10.48 -5.39 -17.13
CA GLU A 117 11.75 -5.77 -17.74
C GLU A 117 11.85 -7.28 -17.94
N VAL A 118 11.89 -7.71 -19.19
CA VAL A 118 12.00 -9.14 -19.50
C VAL A 118 12.89 -9.31 -20.72
N GLU A 119 14.03 -9.96 -20.54
CA GLU A 119 14.95 -10.17 -21.66
C GLU A 119 14.95 -11.61 -22.14
N ASP A 120 15.30 -11.79 -23.42
CA ASP A 120 15.38 -13.11 -24.03
C ASP A 120 16.76 -13.63 -23.69
N ARG A 121 16.81 -14.77 -23.03
CA ARG A 121 18.08 -15.30 -22.63
C ARG A 121 18.03 -16.82 -22.71
N PRO A 122 18.75 -17.42 -23.67
CA PRO A 122 18.75 -18.86 -23.82
C PRO A 122 19.30 -19.54 -22.56
N LEU A 123 18.81 -20.76 -22.31
CA LEU A 123 19.23 -21.54 -21.14
C LEU A 123 19.88 -22.84 -21.59
N LEU A 124 21.06 -23.15 -21.04
CA LEU A 124 21.76 -24.37 -21.42
C LEU A 124 21.87 -25.35 -20.26
N HIS A 125 21.44 -26.59 -20.48
CA HIS A 125 21.52 -27.65 -19.46
C HIS A 125 22.74 -28.52 -19.80
N LEU A 126 23.93 -28.06 -19.39
CA LEU A 126 25.19 -28.77 -19.63
C LEU A 126 25.15 -30.23 -19.20
N LEU A 127 25.68 -31.10 -20.07
CA LEU A 127 25.69 -32.53 -19.80
C LEU A 127 27.06 -33.16 -20.09
N PRO A 128 27.36 -34.29 -19.45
CA PRO A 128 28.64 -34.99 -19.63
C PRO A 128 28.69 -35.77 -20.95
N ALA A 129 28.58 -37.09 -20.86
CA ALA A 129 28.61 -37.95 -22.04
C ALA A 129 27.53 -37.49 -23.02
N GLY A 130 27.96 -36.89 -24.13
CA GLY A 130 27.01 -36.40 -25.12
C GLY A 130 26.41 -37.48 -25.99
N GLU A 131 25.14 -37.82 -25.74
CA GLU A 131 24.44 -38.85 -26.50
C GLU A 131 22.98 -38.96 -26.08
N GLY A 132 22.07 -38.60 -26.99
CA GLY A 132 20.66 -38.67 -26.68
C GLY A 132 19.79 -37.85 -27.63
N SER A 133 18.86 -37.09 -27.08
CA SER A 133 17.96 -36.24 -27.87
C SER A 133 18.74 -35.13 -28.56
N GLY A 134 18.02 -34.21 -29.21
CA GLY A 134 18.68 -33.11 -29.91
C GLY A 134 19.46 -32.19 -29.01
N LEU A 135 20.73 -32.52 -28.78
CA LEU A 135 21.62 -31.71 -27.93
C LEU A 135 22.42 -30.74 -28.78
N THR A 136 23.35 -30.03 -28.12
CA THR A 136 24.17 -29.07 -28.82
C THR A 136 25.54 -28.98 -28.15
N PRO A 137 26.62 -29.04 -28.94
CA PRO A 137 27.97 -28.97 -28.40
C PRO A 137 28.20 -27.62 -27.73
N THR A 138 28.53 -27.68 -26.44
CA THR A 138 28.78 -26.49 -25.63
C THR A 138 29.68 -25.51 -26.36
N LEU A 139 30.66 -26.04 -27.08
CA LEU A 139 31.61 -25.20 -27.83
C LEU A 139 30.90 -24.25 -28.78
N ASP A 140 29.84 -24.74 -29.42
CA ASP A 140 29.08 -23.94 -30.38
C ASP A 140 28.02 -23.10 -29.68
N ALA A 141 27.44 -23.66 -28.62
CA ALA A 141 26.41 -22.96 -27.84
C ALA A 141 26.95 -21.68 -27.21
N LEU A 142 28.18 -21.74 -26.72
CA LEU A 142 28.82 -20.59 -26.11
C LEU A 142 29.71 -19.87 -27.12
N ALA A 143 29.37 -20.01 -28.40
CA ALA A 143 30.11 -19.36 -29.47
C ALA A 143 30.31 -17.89 -29.17
N ASP A 144 29.22 -17.13 -29.14
CA ASP A 144 29.35 -15.71 -28.89
C ASP A 144 29.21 -15.34 -27.42
N PHE A 145 29.44 -16.30 -26.55
CA PHE A 145 29.33 -16.06 -25.11
C PHE A 145 30.56 -16.61 -24.38
N PRO A 146 31.72 -15.97 -24.57
CA PRO A 146 32.96 -16.40 -23.92
C PRO A 146 33.00 -16.24 -22.41
N GLU A 147 32.30 -15.24 -21.90
CA GLU A 147 32.30 -15.01 -20.45
C GLU A 147 31.63 -16.14 -19.69
N ALA A 148 30.87 -16.98 -20.40
CA ALA A 148 30.18 -18.12 -19.81
C ALA A 148 31.01 -19.38 -19.98
N LEU A 149 31.93 -19.34 -20.94
CA LEU A 149 32.78 -20.49 -21.23
C LEU A 149 33.84 -20.66 -20.15
N ALA A 150 34.47 -19.56 -19.75
CA ALA A 150 35.53 -19.58 -18.74
C ALA A 150 35.07 -20.12 -17.39
N LEU A 151 33.77 -20.27 -17.23
CA LEU A 151 33.24 -20.78 -15.97
C LEU A 151 33.35 -22.28 -15.88
N LEU A 152 33.33 -22.94 -17.03
CA LEU A 152 33.36 -24.39 -17.06
C LEU A 152 34.50 -25.01 -17.82
N ASP A 153 34.48 -26.34 -17.86
CA ASP A 153 35.50 -27.10 -18.56
C ASP A 153 34.76 -27.83 -19.70
N PRO A 154 34.93 -27.33 -20.94
CA PRO A 154 34.30 -27.90 -22.13
C PRO A 154 34.40 -29.41 -22.25
N ALA A 155 35.48 -30.01 -21.75
CA ALA A 155 35.66 -31.45 -21.83
C ALA A 155 34.73 -32.24 -20.91
N ARG A 156 34.56 -31.77 -19.68
CA ARG A 156 33.69 -32.45 -18.72
C ARG A 156 32.21 -32.10 -18.95
N LEU A 157 31.94 -31.11 -19.78
CA LEU A 157 30.59 -30.68 -20.11
C LEU A 157 30.57 -30.29 -21.59
N PRO A 158 30.85 -31.26 -22.47
CA PRO A 158 30.89 -31.08 -23.92
C PRO A 158 29.58 -30.68 -24.59
N VAL A 159 28.49 -31.33 -24.18
CA VAL A 159 27.17 -31.07 -24.76
C VAL A 159 26.16 -30.42 -23.81
N ALA A 160 25.07 -29.92 -24.38
CA ALA A 160 24.02 -29.28 -23.60
C ALA A 160 22.66 -29.33 -24.30
N ARG A 161 21.61 -29.05 -23.53
CA ARG A 161 20.25 -29.00 -24.05
C ARG A 161 19.88 -27.51 -24.02
N VAL A 162 19.90 -26.88 -25.19
CA VAL A 162 19.58 -25.46 -25.29
C VAL A 162 18.09 -25.15 -25.36
N ASP A 163 17.68 -24.06 -24.71
CA ASP A 163 16.29 -23.63 -24.76
C ASP A 163 16.31 -22.19 -25.23
N PRO A 164 16.07 -21.97 -26.53
CA PRO A 164 16.06 -20.62 -27.12
C PRO A 164 14.94 -19.71 -26.64
N ARG A 165 13.91 -20.29 -26.01
CA ARG A 165 12.80 -19.47 -25.54
C ARG A 165 12.86 -19.09 -24.05
N ALA A 166 13.97 -19.36 -23.39
CA ALA A 166 14.10 -19.04 -21.98
C ALA A 166 14.07 -17.52 -21.77
N LEU A 167 13.55 -17.09 -20.64
CA LEU A 167 13.46 -15.68 -20.32
C LEU A 167 13.91 -15.36 -18.89
N THR A 168 14.44 -14.17 -18.66
CA THR A 168 14.81 -13.78 -17.31
C THR A 168 14.09 -12.50 -16.93
N TYR A 169 13.64 -12.42 -15.68
CA TYR A 169 12.96 -11.24 -15.17
C TYR A 169 13.09 -11.23 -13.66
N ARG A 170 12.70 -10.14 -13.04
CA ARG A 170 12.78 -10.05 -11.58
C ARG A 170 11.40 -10.34 -10.99
N PRO A 171 11.26 -11.44 -10.25
CA PRO A 171 9.97 -11.78 -9.64
C PRO A 171 9.49 -10.67 -8.72
N GLY A 172 10.44 -9.99 -8.10
CA GLY A 172 10.13 -8.88 -7.20
C GLY A 172 9.37 -7.81 -7.95
N SER A 173 9.86 -7.45 -9.13
CA SER A 173 9.18 -6.45 -9.95
C SER A 173 7.81 -6.94 -10.40
N LEU A 174 7.71 -8.23 -10.71
CA LEU A 174 6.44 -8.82 -11.15
C LEU A 174 5.41 -8.67 -10.03
N ALA A 175 5.80 -9.10 -8.84
CA ALA A 175 4.93 -9.04 -7.67
C ALA A 175 4.49 -7.60 -7.35
N LEU A 176 5.45 -6.68 -7.25
CA LEU A 176 5.16 -5.28 -6.96
C LEU A 176 4.15 -4.73 -7.98
N LEU A 177 4.42 -4.98 -9.25
CA LEU A 177 3.56 -4.54 -10.33
C LEU A 177 2.15 -5.05 -10.11
N ALA A 178 2.04 -6.32 -9.77
CA ALA A 178 0.74 -6.93 -9.56
C ALA A 178 0.07 -6.30 -8.37
N ALA A 179 0.80 -6.12 -7.28
CA ALA A 179 0.19 -5.51 -6.11
C ALA A 179 -0.25 -4.08 -6.46
N GLN A 180 0.65 -3.31 -7.04
CA GLN A 180 0.31 -1.94 -7.41
C GLN A 180 -0.99 -1.84 -8.19
N GLN A 181 -1.05 -2.58 -9.29
CA GLN A 181 -2.23 -2.63 -10.15
C GLN A 181 -3.47 -3.07 -9.38
N ALA A 182 -3.32 -4.01 -8.45
CA ALA A 182 -4.45 -4.50 -7.67
C ALA A 182 -4.98 -3.38 -6.76
N ILE A 183 -4.04 -2.63 -6.20
CA ILE A 183 -4.36 -1.50 -5.33
C ILE A 183 -5.00 -0.37 -6.12
N GLY A 184 -4.50 -0.15 -7.33
CA GLY A 184 -5.06 0.89 -8.17
C GLY A 184 -6.42 0.46 -8.66
N GLN A 185 -6.79 -0.78 -8.36
CA GLN A 185 -8.08 -1.27 -8.78
C GLN A 185 -9.03 -1.41 -7.61
N GLY A 186 -8.69 -0.76 -6.51
CA GLY A 186 -9.57 -0.79 -5.35
C GLY A 186 -9.38 -1.95 -4.39
N ALA A 187 -8.21 -2.56 -4.41
CA ALA A 187 -7.95 -3.66 -3.51
C ALA A 187 -7.58 -3.07 -2.16
N GLY A 188 -8.20 -3.56 -1.10
CA GLY A 188 -7.87 -3.07 0.23
C GLY A 188 -6.45 -3.51 0.48
N LEU A 189 -5.68 -2.73 1.24
CA LEU A 189 -4.31 -3.11 1.51
C LEU A 189 -3.98 -2.99 2.98
N LEU A 190 -3.39 -4.05 3.52
CA LEU A 190 -3.01 -4.07 4.92
C LEU A 190 -1.59 -4.64 4.98
N LEU A 191 -0.64 -3.83 5.40
CA LEU A 191 0.75 -4.28 5.50
C LEU A 191 1.14 -4.45 6.96
N ASN A 192 2.34 -4.95 7.17
CA ASN A 192 2.88 -5.17 8.51
C ASN A 192 1.82 -5.74 9.46
N THR A 193 1.05 -6.69 8.93
CA THR A 193 -0.02 -7.34 9.67
C THR A 193 0.01 -8.87 9.48
N ARG A 194 0.05 -9.58 10.60
CA ARG A 194 0.08 -11.03 10.55
C ARG A 194 -1.36 -11.51 10.63
N ALA A 195 -1.75 -12.33 9.67
CA ALA A 195 -3.09 -12.86 9.63
C ALA A 195 -3.08 -14.24 10.30
N GLU A 196 -4.17 -14.52 11.02
CA GLU A 196 -4.36 -15.78 11.72
C GLU A 196 -5.75 -16.26 11.31
N LEU A 197 -5.86 -17.49 10.84
CA LEU A 197 -7.14 -18.02 10.40
C LEU A 197 -8.05 -18.46 11.54
N VAL A 198 -9.27 -17.96 11.54
CA VAL A 198 -10.22 -18.34 12.57
C VAL A 198 -11.50 -18.82 11.86
N PRO A 199 -12.31 -19.62 12.55
CA PRO A 199 -13.53 -20.11 11.93
C PRO A 199 -14.38 -18.95 11.45
N GLY A 200 -14.53 -18.86 10.12
CA GLY A 200 -15.36 -17.80 9.53
C GLY A 200 -14.63 -16.59 8.95
N GLY A 201 -13.53 -16.19 9.57
CA GLY A 201 -12.80 -15.04 9.08
C GLY A 201 -11.31 -15.03 9.38
N VAL A 202 -10.78 -13.83 9.62
CA VAL A 202 -9.37 -13.69 9.91
C VAL A 202 -9.16 -12.79 11.12
N ARG A 203 -8.05 -13.02 11.82
CA ARG A 203 -7.70 -12.23 12.99
C ARG A 203 -6.42 -11.52 12.57
N LEU A 204 -6.43 -10.19 12.67
CA LEU A 204 -5.29 -9.37 12.27
C LEU A 204 -4.50 -8.84 13.45
N HIS A 205 -3.21 -9.13 13.48
CA HIS A 205 -2.34 -8.65 14.55
C HIS A 205 -1.43 -7.55 14.01
N ARG A 206 -1.25 -6.48 14.80
CA ARG A 206 -0.38 -5.35 14.44
C ARG A 206 0.44 -4.91 15.64
N LEU A 207 1.01 -3.71 15.53
CA LEU A 207 1.84 -3.10 16.58
C LEU A 207 1.80 -1.57 16.43
N THR A 208 1.38 -0.88 17.50
CA THR A 208 1.29 0.58 17.49
C THR A 208 2.56 1.23 18.02
N VAL A 216 3.70 1.02 22.73
CA VAL A 216 3.85 -0.22 22.00
C VAL A 216 2.94 -1.30 22.57
N VAL A 217 2.04 -1.81 21.73
CA VAL A 217 1.12 -2.85 22.15
C VAL A 217 0.46 -3.52 20.95
N HIS A 218 0.13 -4.81 21.09
CA HIS A 218 -0.52 -5.57 20.03
C HIS A 218 -1.93 -5.05 19.74
N GLU A 219 -2.45 -5.36 18.56
CA GLU A 219 -3.79 -4.94 18.19
C GLU A 219 -4.49 -6.01 17.37
N THR A 220 -5.22 -6.87 18.06
CA THR A 220 -5.96 -7.95 17.43
C THR A 220 -7.26 -7.38 16.87
N ARG A 221 -7.62 -7.83 15.67
CA ARG A 221 -8.84 -7.33 15.03
C ARG A 221 -9.38 -8.38 14.08
N GLN A 222 -10.56 -8.91 14.36
CA GLN A 222 -11.15 -9.91 13.49
C GLN A 222 -11.97 -9.26 12.37
N ILE A 223 -12.17 -10.02 11.29
CA ILE A 223 -12.94 -9.58 10.14
C ILE A 223 -13.56 -10.78 9.42
N ARG A 224 -14.84 -10.69 9.05
CA ARG A 224 -15.49 -11.77 8.33
C ARG A 224 -15.04 -11.74 6.87
N ALA A 225 -15.08 -12.90 6.24
CA ALA A 225 -14.69 -13.06 4.85
C ALA A 225 -15.42 -14.24 4.22
N GLY A 226 -15.95 -14.06 3.02
CA GLY A 226 -16.65 -15.15 2.36
C GLY A 226 -15.66 -16.11 1.72
N VAL A 227 -14.53 -15.57 1.30
CA VAL A 227 -13.49 -16.38 0.68
C VAL A 227 -12.13 -15.94 1.17
N ILE A 228 -11.31 -16.92 1.55
CA ILE A 228 -9.95 -16.67 2.07
C ILE A 228 -8.90 -17.44 1.26
N ILE A 229 -8.02 -16.69 0.61
CA ILE A 229 -6.94 -17.27 -0.18
C ILE A 229 -5.64 -17.20 0.62
N VAL A 230 -5.10 -18.37 0.95
CA VAL A 230 -3.87 -18.50 1.71
C VAL A 230 -2.66 -18.56 0.79
N ALA A 231 -2.07 -17.39 0.55
CA ALA A 231 -0.90 -17.24 -0.31
C ALA A 231 0.31 -16.83 0.55
N ALA A 232 0.49 -17.51 1.68
CA ALA A 232 1.58 -17.18 2.58
C ALA A 232 2.86 -17.88 2.18
N GLY A 233 2.88 -18.46 0.99
CA GLY A 233 4.06 -19.16 0.53
C GLY A 233 4.31 -20.37 1.41
N ALA A 234 5.59 -20.63 1.70
CA ALA A 234 6.01 -21.76 2.52
C ALA A 234 5.30 -21.79 3.87
N ALA A 235 4.86 -20.63 4.35
CA ALA A 235 4.19 -20.58 5.64
C ALA A 235 2.70 -20.88 5.51
N GLY A 236 2.25 -21.15 4.29
CA GLY A 236 0.84 -21.44 4.06
C GLY A 236 0.34 -22.71 4.74
N PRO A 237 1.05 -23.83 4.60
CA PRO A 237 0.64 -25.09 5.23
C PRO A 237 0.44 -24.99 6.75
N ALA A 238 1.41 -24.42 7.44
CA ALA A 238 1.29 -24.28 8.90
C ALA A 238 0.16 -23.35 9.27
N LEU A 239 0.03 -22.24 8.55
CA LEU A 239 -1.02 -21.28 8.82
C LEU A 239 -2.36 -21.97 9.02
N VAL A 240 -2.77 -22.77 8.04
CA VAL A 240 -4.04 -23.49 8.09
C VAL A 240 -4.07 -24.60 9.12
N GLU A 241 -2.90 -25.13 9.43
CA GLU A 241 -2.78 -26.20 10.41
C GLU A 241 -3.01 -25.66 11.82
N GLN A 242 -2.24 -24.65 12.20
CA GLN A 242 -2.38 -24.10 13.54
C GLN A 242 -3.64 -23.26 13.71
N GLY A 243 -4.24 -22.85 12.60
CA GLY A 243 -5.44 -22.04 12.67
C GLY A 243 -6.75 -22.78 12.55
N LEU A 244 -6.79 -23.81 11.70
CA LEU A 244 -8.01 -24.59 11.48
C LEU A 244 -7.83 -26.11 11.59
N GLY A 245 -6.67 -26.57 12.04
CA GLY A 245 -6.45 -28.00 12.17
C GLY A 245 -6.52 -28.76 10.85
N LEU A 246 -6.29 -28.05 9.75
CA LEU A 246 -6.31 -28.66 8.42
C LEU A 246 -4.93 -29.20 8.04
N HIS A 247 -4.84 -30.53 8.01
CA HIS A 247 -3.60 -31.22 7.67
C HIS A 247 -3.33 -31.30 6.16
N THR A 248 -2.06 -31.16 5.78
CA THR A 248 -1.67 -31.27 4.38
C THR A 248 -0.33 -32.02 4.35
N ARG A 249 0.09 -32.41 3.15
CA ARG A 249 1.34 -33.13 2.99
C ARG A 249 2.45 -32.21 2.47
N HIS A 250 2.13 -30.95 2.27
CA HIS A 250 3.12 -29.99 1.75
C HIS A 250 4.34 -29.80 2.64
N GLY A 251 5.47 -29.52 2.00
CA GLY A 251 6.69 -29.34 2.75
C GLY A 251 7.36 -28.03 2.43
N ARG A 252 8.52 -27.81 3.03
CA ARG A 252 9.25 -26.57 2.82
C ARG A 252 10.75 -26.84 2.76
N ALA A 253 11.44 -26.04 1.95
CA ALA A 253 12.88 -26.19 1.84
C ALA A 253 13.55 -24.82 1.90
N TYR A 254 14.68 -24.75 2.58
CA TYR A 254 15.41 -23.50 2.68
C TYR A 254 16.50 -23.54 1.63
N ARG A 255 16.46 -22.55 0.76
CA ARG A 255 17.42 -22.45 -0.32
C ARG A 255 18.15 -21.12 -0.24
N GLN A 256 19.46 -21.19 -0.41
CA GLN A 256 20.30 -20.02 -0.36
C GLN A 256 20.64 -19.59 -1.79
N PHE A 257 20.97 -18.31 -1.98
CA PHE A 257 21.30 -17.84 -3.32
C PHE A 257 22.61 -17.07 -3.34
N PRO A 258 23.71 -17.73 -2.95
CA PRO A 258 25.01 -17.04 -2.96
C PRO A 258 25.35 -16.48 -4.33
N ARG A 259 26.06 -15.35 -4.33
CA ARG A 259 26.44 -14.67 -5.57
C ARG A 259 27.84 -15.02 -6.08
N LEU A 260 27.96 -15.13 -7.40
CA LEU A 260 29.23 -15.44 -8.05
C LEU A 260 29.70 -14.23 -8.83
N ASP A 261 30.70 -13.53 -8.30
CA ASP A 261 31.20 -12.33 -8.95
C ASP A 261 32.15 -12.59 -10.11
N LEU A 262 31.61 -13.02 -11.24
CA LEU A 262 32.41 -13.27 -12.42
C LEU A 262 31.70 -12.63 -13.61
N LEU A 263 32.48 -12.05 -14.51
CA LEU A 263 31.96 -11.35 -15.69
C LEU A 263 30.66 -11.93 -16.24
N SER A 264 29.67 -11.06 -16.37
CA SER A 264 28.39 -11.48 -16.91
C SER A 264 27.82 -10.39 -17.81
N GLY A 265 26.99 -10.81 -18.77
CA GLY A 265 26.41 -9.85 -19.69
C GLY A 265 24.89 -9.87 -19.69
N ALA A 266 24.29 -8.89 -20.35
CA ALA A 266 22.84 -8.80 -20.42
C ALA A 266 22.24 -9.89 -21.30
N GLN A 267 23.09 -10.47 -22.14
CA GLN A 267 22.62 -11.51 -23.04
C GLN A 267 23.33 -12.84 -22.84
N THR A 268 24.11 -12.95 -21.77
CA THR A 268 24.80 -14.20 -21.47
C THR A 268 23.74 -15.17 -20.98
N PRO A 269 23.65 -16.33 -21.64
CA PRO A 269 22.67 -17.38 -21.31
C PRO A 269 22.69 -17.93 -19.87
N VAL A 270 21.55 -18.44 -19.45
CA VAL A 270 21.42 -19.05 -18.13
C VAL A 270 22.06 -20.43 -18.29
N LEU A 271 22.81 -20.87 -17.28
CA LEU A 271 23.46 -22.17 -17.35
C LEU A 271 23.03 -23.03 -16.18
N ARG A 272 22.96 -24.34 -16.42
CA ARG A 272 22.56 -25.33 -15.42
C ARG A 272 23.47 -26.53 -15.49
N ALA A 273 23.74 -27.14 -14.34
CA ALA A 273 24.59 -28.33 -14.29
C ALA A 273 24.22 -29.14 -13.06
N SER A 274 24.10 -30.46 -13.20
CA SER A 274 23.74 -31.32 -12.08
C SER A 274 22.68 -30.72 -11.16
N GLY A 275 21.74 -29.96 -11.72
CA GLY A 275 20.69 -29.36 -10.93
C GLY A 275 20.98 -27.97 -10.41
N LEU A 276 22.20 -27.48 -10.56
CA LEU A 276 22.52 -26.15 -10.09
C LEU A 276 22.33 -25.15 -11.23
N THR A 277 21.98 -23.90 -10.91
CA THR A 277 21.78 -22.89 -11.94
C THR A 277 22.65 -21.63 -11.76
N LEU A 278 23.15 -21.10 -12.87
CA LEU A 278 23.93 -19.88 -12.83
C LEU A 278 23.11 -18.82 -13.56
N ARG A 279 22.47 -17.95 -12.77
CA ARG A 279 21.61 -16.90 -13.29
C ARG A 279 22.36 -15.59 -13.41
N PRO A 280 22.73 -15.22 -14.65
CA PRO A 280 23.45 -13.95 -14.86
C PRO A 280 22.60 -12.77 -14.38
N GLN A 281 23.19 -11.90 -13.57
CA GLN A 281 22.46 -10.77 -13.03
C GLN A 281 23.40 -9.73 -12.40
N ASN A 282 23.10 -8.46 -12.61
CA ASN A 282 23.93 -7.39 -12.05
C ASN A 282 25.41 -7.56 -12.40
N GLY A 283 25.70 -7.95 -13.64
CA GLY A 283 27.07 -8.11 -14.07
C GLY A 283 27.75 -9.35 -13.53
N GLY A 284 27.01 -10.15 -12.76
CA GLY A 284 27.58 -11.36 -12.22
C GLY A 284 26.62 -12.52 -12.41
N TYR A 285 26.66 -13.46 -11.48
CA TYR A 285 25.80 -14.64 -11.56
C TYR A 285 25.26 -14.90 -10.17
N THR A 286 24.01 -15.36 -10.11
CA THR A 286 23.39 -15.70 -8.85
C THR A 286 23.32 -17.22 -8.89
N LEU A 287 23.82 -17.87 -7.85
CA LEU A 287 23.82 -19.33 -7.80
C LEU A 287 22.50 -19.84 -7.22
N VAL A 288 21.78 -20.66 -7.98
CA VAL A 288 20.49 -21.23 -7.53
C VAL A 288 20.65 -22.74 -7.30
N PRO A 289 20.95 -23.12 -6.05
CA PRO A 289 21.13 -24.54 -5.70
C PRO A 289 19.93 -25.41 -6.02
N ALA A 290 20.19 -26.71 -6.14
CA ALA A 290 19.14 -27.65 -6.41
C ALA A 290 18.55 -28.03 -5.06
N ILE A 291 17.29 -28.45 -5.06
CA ILE A 291 16.63 -28.88 -3.84
C ILE A 291 16.56 -30.40 -3.96
N HIS A 292 17.35 -31.09 -3.16
CA HIS A 292 17.39 -32.55 -3.19
C HIS A 292 16.27 -33.14 -2.38
N HIS A 293 15.86 -32.43 -1.34
CA HIS A 293 14.79 -32.90 -0.47
C HIS A 293 14.24 -31.79 0.39
N ARG A 294 13.14 -32.07 1.08
CA ARG A 294 12.51 -31.09 1.95
C ARG A 294 13.23 -31.03 3.29
N ASP A 295 13.16 -29.87 3.94
CA ASP A 295 13.79 -29.68 5.25
C ASP A 295 12.77 -29.96 6.34
N PRO A 296 13.18 -30.67 7.40
CA PRO A 296 12.31 -31.01 8.52
C PRO A 296 11.71 -29.81 9.24
N HIS A 297 10.61 -30.04 9.94
CA HIS A 297 9.92 -28.99 10.68
C HIS A 297 10.87 -28.25 11.62
N GLY A 298 11.59 -28.99 12.45
CA GLY A 298 12.52 -28.36 13.36
C GLY A 298 13.91 -28.29 12.78
N TYR A 299 14.13 -27.34 11.87
CA TYR A 299 15.43 -27.20 11.23
C TYR A 299 15.86 -25.73 11.13
N HIS A 300 17.08 -25.47 11.58
CA HIS A 300 17.64 -24.13 11.53
C HIS A 300 18.83 -24.15 10.59
N PRO A 301 18.73 -23.44 9.46
CA PRO A 301 19.83 -23.40 8.50
C PRO A 301 21.10 -22.84 9.14
N ALA A 302 22.19 -23.59 8.99
CA ALA A 302 23.47 -23.18 9.54
C ALA A 302 24.56 -23.20 8.49
N GLY A 303 24.86 -24.38 7.95
CA GLY A 303 25.89 -24.50 6.94
C GLY A 303 27.27 -23.97 7.32
N GLY A 304 28.30 -24.50 6.67
CA GLY A 304 29.66 -24.04 6.95
C GLY A 304 30.61 -25.15 7.36
N SER A 305 31.27 -25.74 6.37
CA SER A 305 32.22 -26.82 6.62
C SER A 305 33.03 -27.07 5.35
N LEU A 306 33.71 -26.05 4.85
CA LEU A 306 34.51 -26.23 3.64
C LEU A 306 36.00 -26.24 3.90
N THR A 307 36.61 -27.41 3.69
CA THR A 307 38.02 -27.64 3.87
C THR A 307 38.58 -27.01 5.16
N GLY A 308 37.94 -27.34 6.28
CA GLY A 308 38.39 -26.84 7.57
C GLY A 308 38.06 -25.40 7.93
N VAL A 309 37.26 -24.74 7.11
CA VAL A 309 36.87 -23.36 7.40
C VAL A 309 35.35 -23.23 7.39
N PRO A 310 34.80 -22.53 8.40
CA PRO A 310 33.35 -22.33 8.54
C PRO A 310 32.81 -21.29 7.55
N THR A 311 31.81 -21.69 6.77
CA THR A 311 31.22 -20.77 5.79
C THR A 311 29.73 -20.57 6.05
N GLY A 312 29.06 -19.86 5.14
CA GLY A 312 27.64 -19.61 5.31
C GLY A 312 26.72 -20.52 4.53
N LEU A 313 27.29 -21.42 3.74
CA LEU A 313 26.54 -22.36 2.91
C LEU A 313 26.27 -23.68 3.62
N ARG A 314 25.07 -24.23 3.43
CA ARG A 314 24.69 -25.49 4.05
C ARG A 314 25.59 -26.61 3.55
N ARG A 315 25.76 -27.62 4.40
CA ARG A 315 26.60 -28.76 4.07
C ARG A 315 26.25 -29.33 2.70
N GLU A 316 24.96 -29.48 2.43
CA GLU A 316 24.54 -30.03 1.15
C GLU A 316 24.97 -29.22 -0.05
N LEU A 317 24.92 -27.90 0.06
CA LEU A 317 25.32 -27.04 -1.06
C LEU A 317 26.83 -27.19 -1.23
N LEU A 318 27.54 -27.22 -0.11
CA LEU A 318 29.00 -27.36 -0.12
C LEU A 318 29.39 -28.63 -0.88
N GLU A 319 28.73 -29.73 -0.57
CA GLU A 319 29.04 -31.00 -1.23
C GLU A 319 28.77 -30.88 -2.72
N ASP A 320 27.62 -30.32 -3.08
CA ASP A 320 27.25 -30.16 -4.49
C ASP A 320 28.36 -29.41 -5.23
N LEU A 321 28.77 -28.28 -4.66
CA LEU A 321 29.84 -27.46 -5.24
C LEU A 321 31.10 -28.30 -5.48
N VAL A 322 31.52 -29.04 -4.46
CA VAL A 322 32.70 -29.87 -4.58
C VAL A 322 32.56 -30.82 -5.76
N GLY A 323 31.35 -31.36 -5.93
CA GLY A 323 31.10 -32.29 -7.03
C GLY A 323 31.01 -31.63 -8.39
N LEU A 324 30.90 -30.31 -8.41
CA LEU A 324 30.80 -29.58 -9.68
C LEU A 324 32.01 -28.74 -10.02
N ASP A 326 35.08 -29.46 -10.69
CA ASP A 326 35.89 -29.86 -11.82
C ASP A 326 35.20 -29.39 -13.09
N ALA A 327 33.94 -29.77 -13.26
CA ALA A 327 33.18 -29.39 -14.45
C ALA A 327 33.01 -27.88 -14.60
N VAL A 328 32.83 -27.21 -13.47
CA VAL A 328 32.62 -25.76 -13.45
C VAL A 328 33.67 -25.10 -12.56
N PRO A 329 34.90 -24.96 -13.07
CA PRO A 329 36.03 -24.37 -12.34
C PRO A 329 35.70 -23.08 -11.61
N ALA A 330 34.78 -22.30 -12.17
CA ALA A 330 34.39 -21.04 -11.57
C ALA A 330 33.91 -21.22 -10.13
N LEU A 331 33.46 -22.43 -9.79
CA LEU A 331 32.99 -22.68 -8.45
C LEU A 331 34.16 -22.90 -7.49
N ALA A 332 35.37 -22.97 -8.02
CA ALA A 332 36.55 -23.21 -7.20
C ALA A 332 37.52 -22.04 -7.12
N GLY A 333 37.20 -20.94 -7.82
CA GLY A 333 38.08 -19.78 -7.80
C GLY A 333 37.73 -18.72 -6.75
N GLU A 334 37.95 -17.46 -7.09
CA GLU A 334 37.68 -16.34 -6.16
C GLU A 334 36.28 -15.76 -6.31
N GLY A 335 35.56 -16.17 -7.35
CA GLY A 335 34.23 -15.64 -7.61
C GLY A 335 33.13 -15.79 -6.57
N LEU A 336 32.90 -17.03 -6.12
CA LEU A 336 31.86 -17.34 -5.14
C LEU A 336 32.00 -16.70 -3.78
N GLU A 337 30.92 -16.07 -3.34
CA GLU A 337 30.84 -15.43 -2.04
C GLU A 337 30.28 -16.48 -1.08
N LEU A 338 31.14 -17.05 -0.26
CA LEU A 338 30.75 -18.08 0.72
C LEU A 338 30.27 -17.52 2.06
N GLY A 339 30.74 -16.33 2.42
CA GLY A 339 30.37 -15.74 3.69
C GLY A 339 30.94 -16.50 4.88
N ARG A 340 30.81 -15.93 6.07
CA ARG A 340 31.31 -16.55 7.30
C ARG A 340 30.24 -17.44 7.93
N SER A 341 29.02 -16.92 8.04
CA SER A 341 27.92 -17.69 8.60
C SER A 341 26.69 -17.52 7.71
N SER A 342 25.67 -18.34 7.97
CA SER A 342 24.44 -18.31 7.19
C SER A 342 23.78 -16.94 7.15
N ALA A 343 24.10 -16.10 8.13
CA ALA A 343 23.54 -14.76 8.20
C ALA A 343 24.04 -13.86 7.08
N ASP A 344 25.22 -14.17 6.54
CA ASP A 344 25.77 -13.35 5.47
C ASP A 344 25.32 -13.84 4.09
N VAL A 345 24.57 -14.93 4.04
CA VAL A 345 24.12 -15.52 2.78
C VAL A 345 22.61 -15.40 2.49
N PRO A 346 22.25 -14.71 1.39
CA PRO A 346 20.85 -14.51 0.97
C PRO A 346 20.11 -15.87 0.94
N GLY A 347 19.01 -15.97 1.68
CA GLY A 347 18.26 -17.21 1.73
C GLY A 347 16.78 -17.00 1.97
N ALA A 348 15.96 -18.00 1.65
CA ALA A 348 14.52 -17.90 1.82
C ALA A 348 13.88 -19.28 1.88
N TRP A 349 12.69 -19.35 2.44
CA TRP A 349 11.97 -20.61 2.51
C TRP A 349 10.99 -20.73 1.36
N LEU A 350 11.07 -21.83 0.60
CA LEU A 350 10.16 -22.05 -0.50
C LEU A 350 9.27 -23.23 -0.20
N ALA A 351 7.99 -23.12 -0.56
CA ALA A 351 7.07 -24.20 -0.33
C ALA A 351 7.37 -25.29 -1.34
N LEU A 352 7.12 -26.52 -0.91
CA LEU A 352 7.29 -27.70 -1.73
C LEU A 352 5.93 -28.37 -1.72
N PRO A 353 5.18 -28.25 -2.83
CA PRO A 353 3.86 -28.87 -2.87
C PRO A 353 4.02 -30.39 -2.73
N GLY A 354 3.20 -30.98 -1.85
CA GLY A 354 3.27 -32.41 -1.64
C GLY A 354 4.63 -32.86 -1.12
N GLY A 355 5.49 -31.91 -0.78
CA GLY A 355 6.80 -32.24 -0.28
C GLY A 355 7.78 -32.64 -1.38
N ARG A 356 7.34 -32.52 -2.63
CA ARG A 356 8.14 -32.86 -3.80
C ARG A 356 8.89 -31.66 -4.37
N PRO A 357 10.23 -31.67 -4.32
CA PRO A 357 11.10 -30.61 -4.81
C PRO A 357 10.85 -30.16 -6.25
N ASP A 358 10.26 -31.06 -7.03
CA ASP A 358 9.96 -30.80 -8.43
C ASP A 358 8.48 -30.67 -8.74
N ALA A 359 7.66 -30.41 -7.72
CA ALA A 359 6.23 -30.26 -7.93
C ALA A 359 5.95 -28.82 -8.35
N PRO A 360 4.99 -28.63 -9.27
CA PRO A 360 4.61 -27.30 -9.77
C PRO A 360 3.66 -26.50 -8.85
N PRO A 361 3.37 -25.25 -9.25
CA PRO A 361 2.48 -24.37 -8.51
C PRO A 361 1.09 -25.01 -8.53
N GLN A 362 0.29 -24.77 -7.50
CA GLN A 362 -1.04 -25.37 -7.44
C GLN A 362 -1.94 -24.65 -6.44
N ALA A 363 -3.22 -24.96 -6.49
CA ALA A 363 -4.18 -24.39 -5.58
C ALA A 363 -5.16 -25.49 -5.17
N GLU A 364 -5.84 -25.31 -4.05
CA GLU A 364 -6.79 -26.30 -3.63
C GLU A 364 -7.73 -25.68 -2.60
N GLU A 365 -8.96 -26.17 -2.54
CA GLU A 365 -9.91 -25.64 -1.57
C GLU A 365 -9.96 -26.67 -0.44
N LEU A 366 -9.27 -26.35 0.65
CA LEU A 366 -9.18 -27.22 1.83
C LEU A 366 -10.45 -27.22 2.67
N ALA A 367 -11.37 -26.34 2.33
CA ALA A 367 -12.64 -26.23 3.04
C ALA A 367 -13.45 -25.19 2.31
N PRO A 368 -14.76 -25.19 2.54
CA PRO A 368 -15.62 -24.20 1.87
C PRO A 368 -15.06 -22.78 1.95
N GLY A 369 -14.80 -22.19 0.79
CA GLY A 369 -14.29 -20.83 0.73
C GLY A 369 -12.84 -20.64 1.14
N LEU A 370 -12.16 -21.74 1.48
CA LEU A 370 -10.77 -21.68 1.90
C LEU A 370 -9.82 -22.30 0.87
N HIS A 371 -8.93 -21.48 0.30
CA HIS A 371 -7.98 -21.95 -0.71
C HIS A 371 -6.53 -21.79 -0.30
N LEU A 372 -5.73 -22.80 -0.62
CA LEU A 372 -4.30 -22.75 -0.31
C LEU A 372 -3.53 -22.65 -1.64
N LEU A 373 -2.90 -21.50 -1.85
CA LEU A 373 -2.13 -21.21 -3.06
C LEU A 373 -0.65 -21.48 -2.83
N LEU A 374 -0.08 -22.34 -3.66
CA LEU A 374 1.32 -22.67 -3.54
C LEU A 374 2.04 -22.34 -4.84
N GLY A 375 3.23 -21.75 -4.69
CA GLY A 375 4.08 -21.39 -5.82
C GLY A 375 5.11 -22.49 -5.95
N GLY A 376 6.26 -22.35 -5.30
CA GLY A 376 7.28 -23.39 -5.38
C GLY A 376 8.42 -23.20 -6.37
N PRO A 377 9.40 -24.13 -6.39
CA PRO A 377 10.57 -24.10 -7.27
C PRO A 377 10.31 -23.89 -8.77
N LEU A 378 9.07 -24.05 -9.21
CA LEU A 378 8.79 -23.84 -10.63
C LEU A 378 7.95 -22.59 -10.87
N ALA A 379 7.73 -21.81 -9.81
CA ALA A 379 6.92 -20.60 -9.92
C ALA A 379 7.32 -19.64 -11.03
N ASP A 380 8.60 -19.61 -11.40
CA ASP A 380 9.00 -18.70 -12.47
C ASP A 380 8.39 -19.11 -13.82
N THR A 381 8.14 -20.39 -14.02
CA THR A 381 7.56 -20.84 -15.29
C THR A 381 6.05 -21.06 -15.25
N LEU A 382 5.52 -21.33 -14.06
CA LEU A 382 4.10 -21.63 -13.91
C LEU A 382 3.32 -20.83 -12.85
N GLY A 383 3.98 -19.90 -12.15
CA GLY A 383 3.33 -19.14 -11.10
C GLY A 383 2.06 -18.35 -11.41
N LEU A 384 2.12 -17.43 -12.37
CA LEU A 384 0.95 -16.63 -12.73
C LEU A 384 -0.25 -17.51 -13.06
N ALA A 385 -0.04 -18.51 -13.91
CA ALA A 385 -1.11 -19.41 -14.34
C ALA A 385 -1.90 -19.97 -13.17
N ALA A 386 -1.21 -20.43 -12.13
CA ALA A 386 -1.91 -20.99 -10.98
C ALA A 386 -2.69 -19.94 -10.20
N ALA A 387 -2.21 -18.69 -10.20
CA ALA A 387 -2.91 -17.62 -9.49
C ALA A 387 -4.13 -17.18 -10.30
N HIS A 388 -4.01 -17.21 -11.62
CA HIS A 388 -5.12 -16.82 -12.48
C HIS A 388 -6.24 -17.88 -12.48
N GLU A 389 -5.84 -19.14 -12.47
CA GLU A 389 -6.75 -20.28 -12.46
C GLU A 389 -7.58 -20.18 -11.17
N LEU A 390 -6.92 -19.91 -10.06
CA LEU A 390 -7.62 -19.80 -8.78
C LEU A 390 -8.56 -18.61 -8.79
N ALA A 391 -8.13 -17.51 -9.41
CA ALA A 391 -8.96 -16.32 -9.49
C ALA A 391 -10.25 -16.60 -10.25
N GLN A 392 -10.13 -17.29 -11.39
CA GLN A 392 -11.28 -17.64 -12.21
C GLN A 392 -12.29 -18.43 -11.39
N ARG A 393 -11.83 -19.50 -10.75
CA ARG A 393 -12.72 -20.35 -9.96
C ARG A 393 -13.39 -19.59 -8.81
N VAL A 394 -12.62 -18.76 -8.10
CA VAL A 394 -13.18 -18.01 -6.98
C VAL A 394 -14.23 -17.03 -7.48
N SER A 395 -13.92 -16.39 -8.61
CA SER A 395 -14.82 -15.43 -9.22
C SER A 395 -16.14 -16.09 -9.66
N ALA A 396 -16.05 -17.29 -10.23
CA ALA A 396 -17.24 -18.01 -10.68
C ALA A 396 -18.14 -18.41 -9.51
N SER A 397 -17.59 -19.03 -8.47
CA SER A 397 -18.40 -19.44 -7.33
C SER A 397 -19.06 -18.25 -6.63
N LEU A 398 -18.57 -17.05 -6.92
CA LEU A 398 -19.15 -15.84 -6.34
C LEU A 398 -20.26 -15.31 -7.26
N GLU A 399 -20.15 -15.56 -8.56
CA GLU A 399 -21.16 -15.11 -9.51
C GLU A 399 -22.38 -16.04 -9.43
N GLU B 34 22.61 5.72 1.62
CA GLU B 34 22.04 4.40 1.21
C GLU B 34 21.12 4.56 -0.01
N GLU B 35 19.95 3.92 0.04
CA GLU B 35 18.97 4.00 -1.05
C GLU B 35 18.46 5.43 -1.14
N ALA B 36 18.10 5.87 -2.34
CA ALA B 36 17.63 7.24 -2.51
C ALA B 36 16.45 7.37 -3.48
N PHE B 37 15.65 8.42 -3.30
CA PHE B 37 14.49 8.70 -4.14
C PHE B 37 14.52 10.15 -4.59
N ASP B 38 13.92 10.45 -5.74
CA ASP B 38 13.91 11.83 -6.20
C ASP B 38 12.96 12.65 -5.34
N ILE B 39 11.86 12.04 -4.96
CA ILE B 39 10.85 12.71 -4.19
C ILE B 39 10.31 11.88 -3.04
N VAL B 40 10.23 12.46 -1.85
CA VAL B 40 9.68 11.72 -0.72
C VAL B 40 8.50 12.52 -0.15
N VAL B 41 7.34 11.88 -0.09
CA VAL B 41 6.16 12.53 0.45
C VAL B 41 5.83 11.89 1.80
N ILE B 42 5.82 12.74 2.84
CA ILE B 42 5.54 12.30 4.21
C ILE B 42 4.09 12.63 4.52
N GLY B 43 3.29 11.60 4.75
CA GLY B 43 1.88 11.81 5.05
C GLY B 43 0.96 11.34 3.93
N ALA B 44 0.13 10.35 4.21
CA ALA B 44 -0.78 9.87 3.20
C ALA B 44 -2.24 10.25 3.41
N GLY B 45 -2.47 11.40 4.02
CA GLY B 45 -3.85 11.87 4.22
C GLY B 45 -4.31 12.53 2.93
N ARG B 46 -5.41 13.28 2.95
CA ARG B 46 -5.91 13.93 1.74
C ARG B 46 -4.84 14.75 1.00
N GLY B 48 -1.16 14.85 1.35
CA GLY B 48 -0.03 14.08 0.85
C GLY B 48 -0.41 13.09 -0.24
N ALA B 49 -1.54 12.42 -0.05
CA ALA B 49 -2.00 11.46 -1.03
C ALA B 49 -2.31 12.15 -2.34
N ALA B 50 -2.92 13.32 -2.30
CA ALA B 50 -3.25 14.02 -3.54
C ALA B 50 -2.00 14.51 -4.23
N CYS B 51 -1.08 15.05 -3.44
CA CYS B 51 0.18 15.56 -3.96
C CYS B 51 0.98 14.44 -4.63
N ALA B 52 1.04 13.27 -3.99
CA ALA B 52 1.77 12.13 -4.54
C ALA B 52 1.13 11.69 -5.85
N PHE B 53 -0.19 11.78 -5.92
CA PHE B 53 -0.90 11.41 -7.14
C PHE B 53 -0.54 12.38 -8.27
N TYR B 54 -0.65 13.69 -8.03
CA TYR B 54 -0.34 14.66 -9.06
C TYR B 54 1.11 14.61 -9.50
N LEU B 55 2.02 14.30 -8.58
CA LEU B 55 3.42 14.19 -8.93
C LEU B 55 3.67 12.97 -9.81
N ARG B 56 2.92 11.90 -9.59
CA ARG B 56 3.10 10.69 -10.41
C ARG B 56 2.67 10.95 -11.84
N GLN B 57 1.73 11.86 -12.04
CA GLN B 57 1.29 12.17 -13.39
C GLN B 57 2.07 13.31 -14.02
N LEU B 58 2.57 14.22 -13.19
CA LEU B 58 3.36 15.36 -13.68
C LEU B 58 4.82 14.97 -13.93
N ALA B 59 5.38 14.12 -13.07
CA ALA B 59 6.77 13.67 -13.22
C ALA B 59 6.89 12.16 -13.02
N PRO B 60 6.28 11.38 -13.93
CA PRO B 60 6.33 9.92 -13.83
C PRO B 60 7.74 9.34 -13.85
N GLY B 61 8.69 10.11 -14.40
CA GLY B 61 10.07 9.65 -14.48
C GLY B 61 10.87 9.92 -13.21
N ARG B 62 10.23 10.54 -12.24
CA ARG B 62 10.89 10.86 -10.98
C ARG B 62 10.36 9.96 -9.87
N SER B 63 11.22 9.05 -9.40
CA SER B 63 10.84 8.13 -8.34
C SER B 63 10.30 8.90 -7.14
N LEU B 64 9.25 8.36 -6.52
CA LEU B 64 8.61 8.98 -5.37
C LEU B 64 8.28 7.93 -4.32
N LEU B 65 8.55 8.23 -3.05
CA LEU B 65 8.27 7.30 -1.96
C LEU B 65 7.23 7.92 -1.02
N LEU B 66 6.13 7.22 -0.77
CA LEU B 66 5.09 7.73 0.11
C LEU B 66 5.22 7.08 1.49
N VAL B 67 5.39 7.90 2.53
CA VAL B 67 5.55 7.38 3.89
C VAL B 67 4.41 7.80 4.80
N GLU B 68 3.83 6.81 5.45
CA GLU B 68 2.73 7.03 6.34
C GLU B 68 2.96 6.22 7.62
N GLU B 69 2.74 6.82 8.78
CA GLU B 69 2.94 6.09 10.02
C GLU B 69 1.75 5.25 10.40
N GLY B 70 0.60 5.57 9.84
CA GLY B 70 -0.60 4.80 10.12
C GLY B 70 -0.81 3.85 8.96
N GLY B 71 -2.07 3.47 8.75
CA GLY B 71 -2.38 2.57 7.65
C GLY B 71 -3.05 3.32 6.52
N LEU B 72 -3.48 2.58 5.52
CA LEU B 72 -4.14 3.18 4.36
C LEU B 72 -5.50 2.54 4.11
N PRO B 73 -6.58 3.26 4.40
CA PRO B 73 -6.63 4.62 4.96
C PRO B 73 -6.16 4.67 6.41
N ASN B 74 -6.17 5.86 6.99
CA ASN B 74 -5.78 6.02 8.38
C ASN B 74 -6.95 6.66 9.12
N GLU B 75 -7.71 5.87 9.88
CA GLU B 75 -8.86 6.43 10.59
C GLU B 75 -8.46 7.19 11.86
N GLU B 76 -7.16 7.42 12.02
CA GLU B 76 -6.64 8.15 13.15
C GLU B 76 -6.20 9.53 12.66
N GLY B 77 -6.59 9.87 11.43
CA GLY B 77 -6.21 11.16 10.87
C GLY B 77 -7.37 12.15 10.75
N ALA B 78 -7.06 13.37 10.31
CA ALA B 78 -8.07 14.41 10.15
C ALA B 78 -8.92 14.19 8.91
N THR B 79 -8.28 13.76 7.83
CA THR B 79 -8.96 13.52 6.57
C THR B 79 -10.20 12.64 6.68
N ILE B 80 -10.13 11.61 7.51
CA ILE B 80 -11.22 10.69 7.69
C ILE B 80 -12.46 11.32 8.33
N LEU B 81 -12.27 12.23 9.28
CA LEU B 81 -13.40 12.90 9.96
C LEU B 81 -13.88 14.19 9.29
N ALA B 82 -13.09 14.71 8.35
CA ALA B 82 -13.47 15.94 7.68
C ALA B 82 -14.85 15.75 7.05
N PRO B 83 -15.74 16.75 7.19
CA PRO B 83 -17.08 16.62 6.61
C PRO B 83 -17.15 16.61 5.09
N GLY B 84 -16.08 17.02 4.43
CA GLY B 84 -16.09 17.01 2.97
C GLY B 84 -17.17 17.89 2.35
N VAL B 85 -17.20 19.16 2.74
CA VAL B 85 -18.17 20.10 2.20
C VAL B 85 -17.53 21.12 1.28
N TRP B 86 -17.90 21.11 0.01
CA TRP B 86 -17.35 22.10 -0.91
C TRP B 86 -18.41 23.18 -1.01
N THR B 87 -18.06 24.39 -0.60
CA THR B 87 -19.02 25.49 -0.67
C THR B 87 -18.38 26.80 -1.05
N ALA B 88 -19.06 27.54 -1.93
CA ALA B 88 -18.55 28.83 -2.37
C ALA B 88 -18.40 29.80 -1.20
N GLN B 89 -18.93 29.44 -0.04
CA GLN B 89 -18.84 30.32 1.12
C GLN B 89 -17.54 30.10 1.88
N ASP B 90 -16.77 29.10 1.46
CA ASP B 90 -15.51 28.85 2.12
C ASP B 90 -14.36 29.30 1.25
N ILE B 91 -14.66 30.15 0.29
CA ILE B 91 -13.63 30.67 -0.61
C ILE B 91 -13.18 32.06 -0.15
N PRO B 92 -11.94 32.18 0.32
CA PRO B 92 -11.46 33.50 0.76
C PRO B 92 -11.31 34.33 -0.52
N ALA B 93 -11.20 35.64 -0.39
CA ALA B 93 -11.06 36.52 -1.56
C ALA B 93 -9.75 36.26 -2.29
N GLY B 94 -9.85 35.99 -3.59
CA GLY B 94 -8.64 35.75 -4.37
C GLY B 94 -8.37 34.28 -4.61
N GLN B 95 -9.11 33.41 -3.95
CA GLN B 95 -8.89 31.99 -4.11
C GLN B 95 -9.94 31.29 -5.00
N GLU B 96 -10.68 32.06 -5.80
CA GLU B 96 -11.70 31.51 -6.69
C GLU B 96 -11.13 30.47 -7.67
N ALA B 97 -9.92 30.69 -8.18
CA ALA B 97 -9.34 29.75 -9.13
C ALA B 97 -9.08 28.38 -8.47
N GLN B 98 -8.49 28.41 -7.29
CA GLN B 98 -8.19 27.19 -6.55
C GLN B 98 -9.47 26.43 -6.18
N ALA B 99 -10.50 27.17 -5.77
CA ALA B 99 -11.77 26.58 -5.37
C ALA B 99 -12.48 25.88 -6.52
N GLU B 100 -12.53 26.52 -7.67
CA GLU B 100 -13.23 25.94 -8.81
C GLU B 100 -12.48 24.74 -9.39
N TRP B 101 -11.16 24.85 -9.43
CA TRP B 101 -10.33 23.76 -9.95
C TRP B 101 -10.52 22.55 -9.06
N THR B 102 -10.52 22.77 -7.75
CA THR B 102 -10.73 21.67 -6.80
C THR B 102 -12.12 21.06 -7.04
N ARG B 103 -13.13 21.91 -7.25
CA ARG B 103 -14.48 21.41 -7.47
C ARG B 103 -14.53 20.52 -8.70
N GLU B 104 -13.91 20.96 -9.78
CA GLU B 104 -13.88 20.21 -11.03
C GLU B 104 -13.22 18.84 -10.84
N GLN B 105 -12.12 18.82 -10.08
CA GLN B 105 -11.40 17.58 -9.79
C GLN B 105 -12.33 16.59 -9.10
N LEU B 106 -13.04 17.09 -8.08
CA LEU B 106 -13.98 16.29 -7.30
C LEU B 106 -15.01 15.59 -8.20
N LEU B 107 -15.76 16.37 -8.99
CA LEU B 107 -16.77 15.79 -9.87
C LEU B 107 -16.17 14.89 -10.96
N GLY B 108 -14.90 15.11 -11.30
CA GLY B 108 -14.26 14.30 -12.32
C GLY B 108 -13.40 13.21 -11.72
N ALA B 109 -13.51 13.04 -10.40
CA ALA B 109 -12.74 12.02 -9.68
C ALA B 109 -11.24 12.08 -9.99
N LEU B 110 -10.71 13.30 -10.12
CA LEU B 110 -9.28 13.54 -10.40
C LEU B 110 -8.94 13.11 -11.83
N GLY B 111 -9.97 12.84 -12.63
CA GLY B 111 -9.76 12.41 -13.99
C GLY B 111 -9.10 11.04 -14.09
N SER B 112 -9.44 10.14 -13.17
CA SER B 112 -8.84 8.82 -13.15
C SER B 112 -9.80 7.73 -13.62
N GLY B 113 -10.92 8.14 -14.22
CA GLY B 113 -11.89 7.18 -14.67
C GLY B 113 -12.43 6.36 -13.52
N LYS B 114 -12.12 6.77 -12.30
CA LYS B 114 -12.57 6.04 -11.12
C LYS B 114 -13.86 6.63 -10.57
N THR B 115 -14.42 5.94 -9.58
CA THR B 115 -15.66 6.37 -8.94
C THR B 115 -15.41 7.14 -7.64
N LEU B 116 -16.02 8.32 -7.56
CA LEU B 116 -15.91 9.17 -6.39
C LEU B 116 -17.31 9.74 -6.09
N GLU B 117 -17.96 9.18 -5.08
CA GLU B 117 -19.30 9.60 -4.68
C GLU B 117 -19.35 11.07 -4.31
N VAL B 118 -20.07 11.86 -5.11
CA VAL B 118 -20.20 13.28 -4.85
C VAL B 118 -21.62 13.72 -5.18
N GLU B 119 -22.37 14.17 -4.18
CA GLU B 119 -23.74 14.61 -4.42
C GLU B 119 -23.89 16.12 -4.36
N ASP B 120 -24.90 16.64 -5.05
CA ASP B 120 -25.18 18.06 -5.06
C ASP B 120 -26.03 18.33 -3.84
N ARG B 121 -25.56 19.20 -2.97
CA ARG B 121 -26.31 19.46 -1.76
C ARG B 121 -26.16 20.93 -1.41
N PRO B 122 -27.23 21.71 -1.53
CA PRO B 122 -27.18 23.13 -1.21
C PRO B 122 -26.80 23.34 0.26
N LEU B 123 -26.16 24.48 0.53
CA LEU B 123 -25.72 24.83 1.89
C LEU B 123 -26.37 26.12 2.33
N LEU B 124 -26.97 26.13 3.52
CA LEU B 124 -27.62 27.34 4.02
C LEU B 124 -26.93 27.90 5.24
N HIS B 125 -26.60 29.20 5.20
CA HIS B 125 -25.95 29.89 6.32
C HIS B 125 -27.04 30.69 7.06
N LEU B 126 -27.79 30.01 7.93
CA LEU B 126 -28.87 30.63 8.70
C LEU B 126 -28.44 31.89 9.43
N LEU B 127 -29.27 32.93 9.35
CA LEU B 127 -29.00 34.21 9.99
C LEU B 127 -30.19 34.74 10.77
N PRO B 128 -29.95 35.60 11.77
CA PRO B 128 -31.01 36.19 12.60
C PRO B 128 -31.75 37.32 11.86
N ALA B 129 -31.48 38.56 12.26
CA ALA B 129 -32.11 39.73 11.65
C ALA B 129 -31.88 39.68 10.14
N GLY B 130 -32.93 39.40 9.38
CA GLY B 130 -32.80 39.33 7.93
C GLY B 130 -32.72 40.67 7.24
N GLU B 131 -31.53 41.05 6.80
CA GLU B 131 -31.31 42.33 6.11
C GLU B 131 -29.88 42.46 5.59
N GLY B 132 -29.72 42.47 4.28
CA GLY B 132 -28.39 42.60 3.69
C GLY B 132 -28.35 42.18 2.22
N SER B 133 -27.35 41.39 1.87
CA SER B 133 -27.19 40.92 0.49
C SER B 133 -28.34 39.99 0.10
N GLY B 134 -28.23 39.38 -1.08
CA GLY B 134 -29.28 38.49 -1.55
C GLY B 134 -29.47 37.25 -0.69
N LEU B 135 -30.32 37.37 0.32
CA LEU B 135 -30.61 36.26 1.24
C LEU B 135 -31.86 35.50 0.79
N THR B 136 -32.28 34.55 1.61
CA THR B 136 -33.45 33.76 1.29
C THR B 136 -34.16 33.35 2.58
N PRO B 137 -35.49 33.53 2.64
CA PRO B 137 -36.27 33.16 3.82
C PRO B 137 -36.18 31.66 4.07
N THR B 138 -35.67 31.29 5.23
CA THR B 138 -35.51 29.90 5.63
C THR B 138 -36.77 29.10 5.33
N LEU B 139 -37.93 29.71 5.52
CA LEU B 139 -39.20 29.05 5.27
C LEU B 139 -39.30 28.50 3.86
N ASP B 140 -38.78 29.27 2.90
CA ASP B 140 -38.81 28.88 1.49
C ASP B 140 -37.64 27.97 1.14
N ALA B 141 -36.49 28.24 1.76
CA ALA B 141 -35.28 27.45 1.53
C ALA B 141 -35.47 25.99 1.92
N LEU B 142 -36.16 25.79 3.04
CA LEU B 142 -36.43 24.45 3.55
C LEU B 142 -37.82 23.98 3.09
N ALA B 143 -38.27 24.51 1.96
CA ALA B 143 -39.56 24.14 1.41
C ALA B 143 -39.70 22.65 1.31
N ASP B 144 -38.88 22.03 0.46
CA ASP B 144 -38.98 20.58 0.30
C ASP B 144 -38.04 19.81 1.22
N PHE B 145 -37.61 20.45 2.30
CA PHE B 145 -36.70 19.80 3.23
C PHE B 145 -37.19 19.98 4.67
N PRO B 146 -38.31 19.31 5.02
CA PRO B 146 -38.88 19.39 6.36
C PRO B 146 -38.04 18.79 7.47
N GLU B 147 -37.27 17.75 7.15
CA GLU B 147 -36.44 17.11 8.16
C GLU B 147 -35.34 18.02 8.68
N ALA B 148 -35.07 19.10 7.94
CA ALA B 148 -34.05 20.06 8.32
C ALA B 148 -34.69 21.24 9.06
N LEU B 149 -36.00 21.40 8.87
CA LEU B 149 -36.73 22.49 9.51
C LEU B 149 -36.93 22.22 11.00
N ALA B 150 -37.31 20.99 11.33
CA ALA B 150 -37.56 20.59 12.71
C ALA B 150 -36.34 20.75 13.62
N LEU B 151 -35.19 21.00 13.02
CA LEU B 151 -33.98 21.14 13.80
C LEU B 151 -33.85 22.54 14.39
N LEU B 152 -34.44 23.51 13.70
CA LEU B 152 -34.34 24.89 14.13
C LEU B 152 -35.65 25.60 14.44
N ASP B 153 -35.52 26.86 14.79
CA ASP B 153 -36.67 27.70 15.08
C ASP B 153 -36.68 28.80 14.01
N PRO B 154 -37.60 28.68 13.03
CA PRO B 154 -37.74 29.63 11.93
C PRO B 154 -37.73 31.10 12.36
N ALA B 155 -38.25 31.40 13.54
CA ALA B 155 -38.30 32.78 14.02
C ALA B 155 -36.93 33.36 14.40
N ARG B 156 -36.11 32.55 15.08
CA ARG B 156 -34.78 33.00 15.49
C ARG B 156 -33.75 32.88 14.35
N LEU B 157 -34.14 32.22 13.27
CA LEU B 157 -33.29 32.04 12.09
C LEU B 157 -34.19 32.12 10.85
N PRO B 158 -34.83 33.28 10.65
CA PRO B 158 -35.73 33.52 9.53
C PRO B 158 -35.11 33.49 8.14
N VAL B 159 -33.93 34.09 8.00
CA VAL B 159 -33.26 34.15 6.71
C VAL B 159 -31.94 33.35 6.62
N ALA B 160 -31.46 33.16 5.40
CA ALA B 160 -30.22 32.43 5.18
C ALA B 160 -29.55 32.82 3.87
N ARG B 161 -28.28 32.43 3.74
CA ARG B 161 -27.50 32.68 2.54
C ARG B 161 -27.34 31.29 1.89
N VAL B 162 -28.10 31.04 0.84
CA VAL B 162 -28.05 29.75 0.15
C VAL B 162 -26.92 29.63 -0.87
N ASP B 163 -26.33 28.45 -0.95
CA ASP B 163 -25.27 28.19 -1.94
C ASP B 163 -25.73 26.95 -2.71
N PRO B 164 -26.31 27.16 -3.90
CA PRO B 164 -26.80 26.06 -4.74
C PRO B 164 -25.70 25.16 -5.32
N ARG B 165 -24.45 25.62 -5.27
CA ARG B 165 -23.36 24.82 -5.82
C ARG B 165 -22.57 24.02 -4.77
N ALA B 166 -23.06 23.96 -3.53
CA ALA B 166 -22.34 23.22 -2.50
C ALA B 166 -22.36 21.72 -2.81
N LEU B 167 -21.31 21.02 -2.39
CA LEU B 167 -21.20 19.58 -2.65
C LEU B 167 -20.75 18.83 -1.40
N THR B 168 -21.16 17.57 -1.28
CA THR B 168 -20.69 16.76 -0.16
C THR B 168 -20.02 15.50 -0.69
N TYR B 169 -18.95 15.09 -0.04
CA TYR B 169 -18.20 13.90 -0.41
C TYR B 169 -17.43 13.42 0.80
N ARG B 170 -16.84 12.24 0.71
CA ARG B 170 -16.07 11.71 1.81
C ARG B 170 -14.58 11.93 1.54
N PRO B 171 -13.92 12.78 2.35
CA PRO B 171 -12.50 13.06 2.15
C PRO B 171 -11.67 11.77 2.21
N GLY B 172 -12.14 10.85 3.05
CA GLY B 172 -11.48 9.57 3.20
C GLY B 172 -11.42 8.84 1.87
N SER B 173 -12.54 8.82 1.16
CA SER B 173 -12.59 8.17 -0.14
C SER B 173 -11.70 8.91 -1.15
N LEU B 174 -11.66 10.24 -1.05
CA LEU B 174 -10.85 11.05 -1.96
C LEU B 174 -9.39 10.67 -1.77
N ALA B 175 -8.95 10.70 -0.53
CA ALA B 175 -7.57 10.37 -0.17
C ALA B 175 -7.18 8.96 -0.60
N LEU B 176 -7.99 7.96 -0.25
CA LEU B 176 -7.71 6.58 -0.62
C LEU B 176 -7.55 6.46 -2.13
N LEU B 177 -8.49 7.06 -2.86
CA LEU B 177 -8.49 7.04 -4.31
C LEU B 177 -7.19 7.60 -4.84
N ALA B 178 -6.77 8.72 -4.25
CA ALA B 178 -5.54 9.37 -4.67
C ALA B 178 -4.36 8.47 -4.38
N ALA B 179 -4.32 7.91 -3.18
CA ALA B 179 -3.20 7.04 -2.84
C ALA B 179 -3.20 5.83 -3.79
N GLN B 180 -4.34 5.17 -3.93
CA GLN B 180 -4.43 4.02 -4.81
C GLN B 180 -3.86 4.29 -6.20
N GLN B 181 -4.38 5.34 -6.84
CA GLN B 181 -3.94 5.75 -8.15
C GLN B 181 -2.44 6.07 -8.19
N ALA B 182 -1.93 6.67 -7.11
CA ALA B 182 -0.51 7.01 -7.05
C ALA B 182 0.33 5.73 -7.02
N ILE B 183 -0.16 4.75 -6.27
CA ILE B 183 0.49 3.45 -6.13
C ILE B 183 0.43 2.69 -7.45
N GLY B 184 -0.72 2.79 -8.13
CA GLY B 184 -0.88 2.12 -9.40
C GLY B 184 -0.02 2.80 -10.44
N GLN B 185 0.57 3.94 -10.06
CA GLN B 185 1.42 4.66 -10.99
C GLN B 185 2.88 4.52 -10.64
N GLY B 186 3.19 3.54 -9.80
CA GLY B 186 4.58 3.31 -9.43
C GLY B 186 5.12 4.10 -8.26
N ALA B 187 4.23 4.58 -7.42
CA ALA B 187 4.66 5.32 -6.24
C ALA B 187 5.09 4.33 -5.18
N GLY B 188 6.28 4.53 -4.62
CA GLY B 188 6.75 3.64 -3.57
C GLY B 188 5.80 3.84 -2.42
N LEU B 189 5.56 2.80 -1.63
CA LEU B 189 4.66 2.94 -0.49
C LEU B 189 5.25 2.35 0.78
N LEU B 190 5.20 3.13 1.83
CA LEU B 190 5.71 2.70 3.11
C LEU B 190 4.68 3.08 4.16
N LEU B 191 4.08 2.09 4.80
CA LEU B 191 3.08 2.35 5.82
C LEU B 191 3.64 2.04 7.20
N ASN B 192 2.84 2.33 8.23
CA ASN B 192 3.22 2.08 9.61
C ASN B 192 4.69 2.45 9.86
N THR B 193 5.09 3.59 9.30
CA THR B 193 6.46 4.09 9.42
C THR B 193 6.47 5.58 9.75
N ARG B 194 7.16 5.93 10.83
CA ARG B 194 7.26 7.32 11.24
C ARG B 194 8.51 7.90 10.60
N ALA B 195 8.33 8.99 9.88
CA ALA B 195 9.44 9.64 9.21
C ALA B 195 9.96 10.76 10.13
N GLU B 196 11.28 10.91 10.13
CA GLU B 196 11.99 11.92 10.91
C GLU B 196 12.91 12.64 9.92
N LEU B 197 12.83 13.97 9.88
CA LEU B 197 13.66 14.72 8.95
C LEU B 197 15.11 14.89 9.41
N VAL B 198 16.04 14.54 8.53
CA VAL B 198 17.45 14.69 8.86
C VAL B 198 18.09 15.48 7.72
N PRO B 199 19.22 16.13 8.01
CA PRO B 199 19.89 16.89 6.96
C PRO B 199 20.17 16.02 5.74
N GLY B 200 19.50 16.35 4.63
CA GLY B 200 19.70 15.61 3.39
C GLY B 200 18.66 14.55 3.03
N GLY B 201 18.10 13.88 4.03
CA GLY B 201 17.13 12.85 3.74
C GLY B 201 16.10 12.60 4.84
N VAL B 202 15.71 11.35 4.98
CA VAL B 202 14.73 10.98 5.98
C VAL B 202 15.19 9.76 6.76
N ARG B 203 14.72 9.65 7.99
CA ARG B 203 15.04 8.51 8.83
C ARG B 203 13.70 7.82 9.07
N LEU B 204 13.63 6.55 8.73
CA LEU B 204 12.41 5.77 8.87
C LEU B 204 12.43 4.83 10.07
N HIS B 205 11.43 4.96 10.92
CA HIS B 205 11.32 4.10 12.10
C HIS B 205 10.16 3.13 11.90
N ARG B 206 10.37 1.87 12.29
CA ARG B 206 9.34 0.83 12.20
C ARG B 206 9.34 -0.04 13.46
N LEU B 207 8.71 -1.20 13.35
CA LEU B 207 8.61 -2.19 14.43
C LEU B 207 8.40 -3.59 13.84
N THR B 208 9.30 -4.52 14.18
CA THR B 208 9.23 -5.90 13.69
C THR B 208 8.45 -6.81 14.65
N VAL B 216 10.33 -8.12 18.89
CA VAL B 216 9.90 -6.74 18.82
C VAL B 216 11.07 -5.79 19.03
N VAL B 217 11.35 -4.97 18.03
CA VAL B 217 12.45 -4.01 18.11
C VAL B 217 12.33 -2.94 17.02
N HIS B 218 12.82 -1.75 17.31
CA HIS B 218 12.79 -0.63 16.37
C HIS B 218 13.70 -0.90 15.16
N GLU B 219 13.44 -0.20 14.07
CA GLU B 219 14.25 -0.36 12.87
C GLU B 219 14.45 0.97 12.16
N THR B 220 15.53 1.66 12.51
CA THR B 220 15.85 2.94 11.92
C THR B 220 16.50 2.70 10.56
N ARG B 221 16.13 3.51 9.58
CA ARG B 221 16.68 3.36 8.24
C ARG B 221 16.65 4.70 7.51
N GLN B 222 17.82 5.24 7.19
CA GLN B 222 17.88 6.50 6.48
C GLN B 222 17.82 6.30 4.97
N ILE B 223 17.41 7.37 4.27
CA ILE B 223 17.30 7.36 2.81
C ILE B 223 17.50 8.79 2.27
N ARG B 224 18.29 8.93 1.21
CA ARG B 224 18.49 10.25 0.61
C ARG B 224 17.28 10.60 -0.24
N ALA B 225 17.05 11.91 -0.39
CA ALA B 225 15.94 12.43 -1.15
C ALA B 225 16.28 13.82 -1.70
N GLY B 226 15.98 14.05 -2.97
CA GLY B 226 16.26 15.36 -3.55
C GLY B 226 15.18 16.36 -3.16
N VAL B 227 13.96 15.86 -2.97
CA VAL B 227 12.85 16.69 -2.58
C VAL B 227 12.00 15.99 -1.53
N ILE B 228 11.67 16.72 -0.47
CA ILE B 228 10.86 16.20 0.63
C ILE B 228 9.63 17.06 0.88
N ILE B 229 8.46 16.47 0.69
CA ILE B 229 7.19 17.15 0.90
C ILE B 229 6.61 16.70 2.25
N VAL B 230 6.49 17.67 3.17
CA VAL B 230 5.96 17.44 4.50
C VAL B 230 4.45 17.65 4.54
N ALA B 231 3.72 16.55 4.36
CA ALA B 231 2.27 16.53 4.37
C ALA B 231 1.78 15.78 5.61
N ALA B 232 2.37 16.06 6.76
CA ALA B 232 1.99 15.39 7.98
C ALA B 232 0.80 16.04 8.66
N GLY B 233 0.12 16.92 7.95
CA GLY B 233 -1.03 17.59 8.51
C GLY B 233 -0.59 18.46 9.68
N ALA B 234 -1.41 18.50 10.72
CA ALA B 234 -1.15 19.30 11.91
C ALA B 234 0.22 18.99 12.53
N ALA B 235 0.74 17.79 12.28
CA ALA B 235 2.02 17.43 12.84
C ALA B 235 3.18 17.91 11.96
N GLY B 236 2.85 18.56 10.84
CA GLY B 236 3.87 19.05 9.92
C GLY B 236 4.80 20.11 10.52
N PRO B 237 4.25 21.14 11.18
CA PRO B 237 5.09 22.19 11.77
C PRO B 237 6.14 21.66 12.77
N ALA B 238 5.71 20.81 13.69
CA ALA B 238 6.65 20.27 14.67
C ALA B 238 7.68 19.39 13.99
N LEU B 239 7.24 18.56 13.06
CA LEU B 239 8.14 17.67 12.35
C LEU B 239 9.42 18.39 11.93
N VAL B 240 9.25 19.48 11.17
CA VAL B 240 10.36 20.28 10.67
C VAL B 240 11.11 21.04 11.77
N GLU B 241 10.41 21.32 12.87
CA GLU B 241 11.00 22.04 13.98
C GLU B 241 11.96 21.13 14.74
N GLN B 242 11.47 19.98 15.18
CA GLN B 242 12.31 19.07 15.94
C GLN B 242 13.33 18.35 15.07
N GLY B 243 13.12 18.36 13.76
CA GLY B 243 14.04 17.69 12.86
C GLY B 243 15.10 18.56 12.21
N LEU B 244 14.74 19.79 11.87
CA LEU B 244 15.66 20.71 11.21
C LEU B 244 15.75 22.11 11.85
N GLY B 245 15.13 22.30 13.01
CA GLY B 245 15.18 23.60 13.66
C GLY B 245 14.51 24.72 12.86
N LEU B 246 13.61 24.35 11.97
CA LEU B 246 12.91 25.32 11.14
C LEU B 246 11.63 25.82 11.82
N HIS B 247 11.67 27.08 12.25
CA HIS B 247 10.54 27.71 12.95
C HIS B 247 9.45 28.21 11.99
N THR B 248 8.20 28.08 12.41
CA THR B 248 7.07 28.56 11.61
C THR B 248 6.04 29.13 12.60
N ARG B 249 5.04 29.81 12.06
CA ARG B 249 4.01 30.42 12.89
C ARG B 249 2.72 29.60 12.89
N HIS B 250 2.73 28.49 12.17
CA HIS B 250 1.54 27.63 12.08
C HIS B 250 1.07 27.06 13.42
N GLY B 251 -0.24 26.88 13.54
CA GLY B 251 -0.79 26.35 14.76
C GLY B 251 -1.66 25.13 14.51
N ARG B 252 -2.24 24.63 15.58
CA ARG B 252 -3.08 23.45 15.50
C ARG B 252 -4.30 23.57 16.40
N ALA B 253 -5.40 22.99 15.97
CA ALA B 253 -6.61 23.01 16.78
C ALA B 253 -7.25 21.62 16.80
N TYR B 254 -7.75 21.23 17.96
CA TYR B 254 -8.42 19.95 18.10
C TYR B 254 -9.90 20.19 17.97
N ARG B 255 -10.49 19.51 16.99
CA ARG B 255 -11.90 19.66 16.71
C ARG B 255 -12.57 18.30 16.81
N GLN B 256 -13.70 18.29 17.47
CA GLN B 256 -14.48 17.07 17.66
C GLN B 256 -15.63 17.05 16.66
N PHE B 257 -16.13 15.87 16.33
CA PHE B 257 -17.23 15.78 15.37
C PHE B 257 -18.39 14.93 15.90
N PRO B 258 -18.97 15.32 17.05
CA PRO B 258 -20.08 14.55 17.60
C PRO B 258 -21.22 14.38 16.61
N ARG B 259 -21.89 13.23 16.69
CA ARG B 259 -23.01 12.92 15.78
C ARG B 259 -24.38 13.28 16.33
N LEU B 260 -25.25 13.75 15.44
CA LEU B 260 -26.62 14.13 15.79
C LEU B 260 -27.59 13.16 15.11
N ASP B 261 -28.12 12.23 15.89
CA ASP B 261 -29.04 11.25 15.36
C ASP B 261 -30.46 11.75 15.14
N LEU B 262 -30.65 12.53 14.09
CA LEU B 262 -31.97 13.04 13.76
C LEU B 262 -32.17 12.86 12.25
N LEU B 263 -33.39 12.50 11.85
CA LEU B 263 -33.73 12.25 10.45
C LEU B 263 -32.94 13.08 9.44
N SER B 264 -32.32 12.40 8.49
CA SER B 264 -31.57 13.08 7.47
C SER B 264 -31.76 12.38 6.13
N GLY B 265 -31.62 13.14 5.06
CA GLY B 265 -31.78 12.58 3.72
C GLY B 265 -30.56 12.75 2.83
N ALA B 266 -30.57 12.07 1.68
CA ALA B 266 -29.46 12.15 0.75
C ALA B 266 -29.39 13.51 0.07
N GLN B 267 -30.51 14.23 0.11
CA GLN B 267 -30.56 15.53 -0.53
C GLN B 267 -30.88 16.66 0.44
N THR B 268 -30.86 16.36 1.74
CA THR B 268 -31.12 17.39 2.74
C THR B 268 -29.88 18.28 2.77
N PRO B 269 -30.07 19.58 2.57
CA PRO B 269 -28.98 20.57 2.56
C PRO B 269 -28.11 20.66 3.82
N VAL B 270 -26.89 21.15 3.61
CA VAL B 270 -25.94 21.34 4.70
C VAL B 270 -26.41 22.63 5.37
N LEU B 271 -26.38 22.68 6.69
CA LEU B 271 -26.81 23.86 7.42
C LEU B 271 -25.69 24.38 8.30
N ARG B 272 -25.65 25.70 8.47
CA ARG B 272 -24.64 26.38 9.28
C ARG B 272 -25.28 27.45 10.12
N ALA B 273 -24.77 27.66 11.33
CA ALA B 273 -25.30 28.69 12.23
C ALA B 273 -24.18 29.12 13.18
N SER B 274 -24.04 30.43 13.38
CA SER B 274 -23.00 30.95 14.28
C SER B 274 -21.66 30.20 14.16
N GLY B 275 -21.34 29.76 12.96
CA GLY B 275 -20.08 29.06 12.75
C GLY B 275 -20.14 27.55 12.87
N LEU B 276 -21.26 27.01 13.36
CA LEU B 276 -21.38 25.57 13.49
C LEU B 276 -22.00 24.98 12.22
N THR B 277 -21.66 23.73 11.90
CA THR B 277 -22.21 23.11 10.70
C THR B 277 -22.92 21.77 10.97
N LEU B 278 -24.02 21.54 10.26
CA LEU B 278 -24.74 20.29 10.40
C LEU B 278 -24.62 19.59 9.05
N ARG B 279 -23.74 18.61 9.00
CA ARG B 279 -23.46 17.83 7.81
C ARG B 279 -24.26 16.55 7.76
N PRO B 280 -25.33 16.53 6.94
CA PRO B 280 -26.15 15.31 6.84
C PRO B 280 -25.30 14.14 6.35
N GLN B 281 -25.39 13.02 7.04
CA GLN B 281 -24.61 11.85 6.66
C GLN B 281 -25.08 10.60 7.38
N ASN B 282 -25.11 9.47 6.67
CA ASN B 282 -25.54 8.22 7.26
C ASN B 282 -26.93 8.32 7.92
N GLY B 283 -27.85 9.02 7.27
CA GLY B 283 -29.19 9.17 7.81
C GLY B 283 -29.28 10.13 8.98
N GLY B 284 -28.15 10.72 9.37
CA GLY B 284 -28.17 11.66 10.48
C GLY B 284 -27.40 12.90 10.11
N TYR B 285 -26.79 13.54 11.12
CA TYR B 285 -26.02 14.75 10.90
C TYR B 285 -24.74 14.65 11.69
N THR B 286 -23.67 15.18 11.14
CA THR B 286 -22.39 15.19 11.82
C THR B 286 -22.19 16.65 12.20
N LEU B 287 -21.93 16.91 13.48
CA LEU B 287 -21.76 18.28 13.94
C LEU B 287 -20.30 18.72 13.76
N VAL B 288 -20.09 19.80 13.01
CA VAL B 288 -18.73 20.33 12.76
C VAL B 288 -18.57 21.68 13.48
N PRO B 289 -18.03 21.65 14.70
CA PRO B 289 -17.82 22.87 15.49
C PRO B 289 -16.97 23.92 14.81
N ALA B 290 -17.12 25.16 15.25
CA ALA B 290 -16.34 26.24 14.71
C ALA B 290 -15.04 26.25 15.50
N ILE B 291 -13.98 26.79 14.88
CA ILE B 291 -12.68 26.89 15.54
C ILE B 291 -12.54 28.38 15.86
N HIS B 292 -12.64 28.71 17.13
CA HIS B 292 -12.55 30.10 17.56
C HIS B 292 -11.11 30.53 17.67
N HIS B 293 -10.24 29.58 18.01
CA HIS B 293 -8.83 29.89 18.18
C HIS B 293 -7.99 28.62 18.17
N ARG B 294 -6.68 28.79 18.11
CA ARG B 294 -5.76 27.66 18.11
C ARG B 294 -5.55 27.13 19.53
N ASP B 295 -5.22 25.85 19.63
CA ASP B 295 -4.98 25.23 20.92
C ASP B 295 -3.48 25.27 21.22
N PRO B 296 -3.11 25.58 22.47
CA PRO B 296 -1.72 25.66 22.89
C PRO B 296 -0.95 24.36 22.73
N HIS B 297 0.38 24.48 22.67
CA HIS B 297 1.26 23.33 22.50
C HIS B 297 0.98 22.25 23.55
N GLY B 298 0.95 22.64 24.82
CA GLY B 298 0.69 21.67 25.87
C GLY B 298 -0.78 21.64 26.23
N TYR B 299 -1.58 20.98 25.39
CA TYR B 299 -3.01 20.90 25.63
C TYR B 299 -3.56 19.50 25.36
N HIS B 300 -4.29 18.99 26.34
CA HIS B 300 -4.91 17.68 26.24
C HIS B 300 -6.42 17.86 26.25
N PRO B 301 -7.07 17.54 25.13
CA PRO B 301 -8.53 17.68 25.05
C PRO B 301 -9.23 16.83 26.11
N ALA B 302 -10.12 17.47 26.85
CA ALA B 302 -10.85 16.79 27.91
C ALA B 302 -12.35 17.02 27.77
N GLY B 303 -12.78 18.27 27.89
CA GLY B 303 -14.20 18.58 27.77
C GLY B 303 -15.12 17.82 28.72
N GLY B 304 -16.29 18.40 28.99
CA GLY B 304 -17.25 17.76 29.88
C GLY B 304 -17.66 18.60 31.07
N SER B 305 -18.72 19.38 30.91
CA SER B 305 -19.22 20.24 31.96
C SER B 305 -20.59 20.78 31.57
N LEU B 306 -21.54 19.88 31.29
CA LEU B 306 -22.87 20.34 30.91
C LEU B 306 -23.91 20.12 31.99
N THR B 307 -24.41 21.23 32.53
CA THR B 307 -25.40 21.25 33.57
C THR B 307 -25.16 20.22 34.67
N GLY B 308 -23.95 20.26 35.23
CA GLY B 308 -23.61 19.34 36.31
C GLY B 308 -23.28 17.91 35.96
N VAL B 309 -23.17 17.61 34.67
CA VAL B 309 -22.84 16.25 34.25
C VAL B 309 -21.63 16.27 33.32
N PRO B 310 -20.67 15.38 33.54
CA PRO B 310 -19.45 15.29 32.73
C PRO B 310 -19.69 14.65 31.36
N THR B 311 -19.33 15.36 30.29
CA THR B 311 -19.53 14.85 28.94
C THR B 311 -18.20 14.73 28.20
N GLY B 312 -18.26 14.39 26.91
CA GLY B 312 -17.05 14.24 26.12
C GLY B 312 -16.68 15.44 25.26
N LEU B 313 -17.53 16.47 25.28
CA LEU B 313 -17.33 17.68 24.49
C LEU B 313 -16.54 18.74 25.27
N ARG B 314 -15.65 19.46 24.57
CA ARG B 314 -14.84 20.50 25.20
C ARG B 314 -15.74 21.62 25.69
N ARG B 315 -15.29 22.31 26.73
CA ARG B 315 -16.03 23.40 27.32
C ARG B 315 -16.50 24.39 26.24
N GLU B 316 -15.61 24.76 25.34
CA GLU B 316 -15.97 25.70 24.29
C GLU B 316 -17.11 25.24 23.40
N LEU B 317 -17.12 23.97 23.05
CA LEU B 317 -18.19 23.44 22.20
C LEU B 317 -19.50 23.47 23.00
N LEU B 318 -19.41 23.10 24.28
CA LEU B 318 -20.56 23.09 25.17
C LEU B 318 -21.20 24.47 25.20
N GLU B 319 -20.37 25.49 25.38
CA GLU B 319 -20.88 26.86 25.44
C GLU B 319 -21.55 27.24 24.12
N ASP B 320 -20.91 26.91 23.01
CA ASP B 320 -21.45 27.22 21.69
C ASP B 320 -22.85 26.62 21.57
N LEU B 321 -22.97 25.34 21.91
CA LEU B 321 -24.25 24.63 21.85
C LEU B 321 -25.31 25.36 22.68
N VAL B 322 -24.96 25.73 23.90
CA VAL B 322 -25.90 26.42 24.75
C VAL B 322 -26.38 27.70 24.06
N GLY B 323 -25.46 28.39 23.38
CA GLY B 323 -25.81 29.62 22.70
C GLY B 323 -26.60 29.41 21.42
N LEU B 324 -26.67 28.17 20.95
CA LEU B 324 -27.41 27.87 19.73
C LEU B 324 -28.67 27.04 19.93
N ASP B 326 -31.47 27.62 21.45
CA ASP B 326 -32.74 28.25 21.20
C ASP B 326 -32.98 28.26 19.69
N ALA B 327 -32.03 28.80 18.94
CA ALA B 327 -32.16 28.87 17.49
C ALA B 327 -32.26 27.50 16.84
N VAL B 328 -31.51 26.54 17.37
CA VAL B 328 -31.48 25.19 16.82
C VAL B 328 -31.87 24.19 17.92
N PRO B 329 -33.17 24.09 18.22
CA PRO B 329 -33.71 23.19 19.24
C PRO B 329 -33.13 21.79 19.22
N ALA B 330 -32.81 21.30 18.02
CA ALA B 330 -32.26 19.97 17.86
C ALA B 330 -31.01 19.76 18.70
N LEU B 331 -30.34 20.84 19.06
CA LEU B 331 -29.14 20.73 19.88
C LEU B 331 -29.48 20.54 21.34
N ALA B 332 -30.77 20.64 21.69
CA ALA B 332 -31.20 20.49 23.07
C ALA B 332 -32.04 19.26 23.34
N GLY B 333 -32.31 18.46 22.31
CA GLY B 333 -33.12 17.26 22.48
C GLY B 333 -32.33 15.99 22.76
N GLU B 334 -32.84 14.87 22.27
CA GLU B 334 -32.19 13.57 22.45
C GLU B 334 -31.21 13.20 21.35
N GLY B 335 -31.21 13.97 20.27
CA GLY B 335 -30.35 13.67 19.13
C GLY B 335 -28.85 13.62 19.31
N LEU B 336 -28.27 14.68 19.87
CA LEU B 336 -26.82 14.79 20.09
C LEU B 336 -26.20 13.76 21.00
N GLU B 337 -25.12 13.16 20.50
CA GLU B 337 -24.37 12.16 21.25
C GLU B 337 -23.24 12.92 21.95
N LEU B 338 -23.39 13.13 23.25
CA LEU B 338 -22.40 13.85 24.05
C LEU B 338 -21.28 12.97 24.62
N GLY B 339 -21.58 11.69 24.80
CA GLY B 339 -20.58 10.78 25.36
C GLY B 339 -20.26 11.09 26.82
N ARG B 340 -19.51 10.22 27.47
CA ARG B 340 -19.13 10.39 28.87
C ARG B 340 -17.81 11.15 28.98
N SER B 341 -16.82 10.74 28.18
CA SER B 341 -15.52 11.41 28.19
C SER B 341 -15.08 11.64 26.75
N SER B 342 -14.03 12.44 26.58
CA SER B 342 -13.51 12.78 25.26
C SER B 342 -13.14 11.55 24.43
N ALA B 343 -12.90 10.43 25.10
CA ALA B 343 -12.54 9.19 24.43
C ALA B 343 -13.70 8.62 23.62
N ASP B 344 -14.93 8.96 24.01
CA ASP B 344 -16.09 8.45 23.26
C ASP B 344 -16.49 9.36 22.11
N VAL B 345 -15.81 10.49 21.96
CA VAL B 345 -16.14 11.47 20.93
C VAL B 345 -15.11 11.60 19.78
N PRO B 346 -15.55 11.31 18.54
CA PRO B 346 -14.68 11.40 17.35
C PRO B 346 -13.97 12.76 17.30
N GLY B 347 -12.64 12.75 17.23
CA GLY B 347 -11.89 13.99 17.19
C GLY B 347 -10.59 13.85 16.43
N ALA B 348 -10.02 14.98 16.00
CA ALA B 348 -8.76 14.99 15.25
C ALA B 348 -8.09 16.34 15.32
N TRP B 349 -6.79 16.36 15.06
CA TRP B 349 -6.05 17.61 15.08
C TRP B 349 -5.94 18.18 13.67
N LEU B 350 -6.32 19.43 13.49
CA LEU B 350 -6.23 20.06 12.18
C LEU B 350 -5.21 21.18 12.25
N ALA B 351 -4.44 21.32 11.17
CA ALA B 351 -3.44 22.36 11.11
C ALA B 351 -4.16 23.67 10.86
N LEU B 352 -3.57 24.73 11.41
CA LEU B 352 -4.07 26.07 11.26
C LEU B 352 -2.92 26.85 10.64
N PRO B 353 -3.00 27.15 9.35
CA PRO B 353 -1.90 27.89 8.72
C PRO B 353 -1.78 29.27 9.37
N GLY B 354 -0.55 29.63 9.73
CA GLY B 354 -0.33 30.92 10.36
C GLY B 354 -1.06 31.06 11.67
N GLY B 355 -1.66 29.97 12.16
CA GLY B 355 -2.38 30.01 13.41
C GLY B 355 -3.76 30.61 13.28
N ARG B 356 -4.16 30.91 12.04
CA ARG B 356 -5.48 31.51 11.75
C ARG B 356 -6.52 30.46 11.40
N PRO B 357 -7.56 30.33 12.24
CA PRO B 357 -8.66 29.36 12.07
C PRO B 357 -9.35 29.40 10.71
N ASP B 358 -9.26 30.55 10.04
CA ASP B 358 -9.88 30.75 8.74
C ASP B 358 -8.87 30.87 7.58
N ALA B 359 -7.65 30.40 7.79
CA ALA B 359 -6.63 30.47 6.74
C ALA B 359 -6.79 29.25 5.83
N PRO B 360 -6.58 29.44 4.51
CA PRO B 360 -6.71 28.37 3.53
C PRO B 360 -5.50 27.44 3.42
N PRO B 361 -5.63 26.38 2.57
CA PRO B 361 -4.56 25.41 2.34
C PRO B 361 -3.40 26.17 1.70
N GLN B 362 -2.18 25.72 1.91
CA GLN B 362 -1.01 26.41 1.36
C GLN B 362 0.22 25.51 1.36
N ALA B 363 1.24 25.95 0.65
CA ALA B 363 2.49 25.23 0.60
C ALA B 363 3.64 26.25 0.66
N GLU B 364 4.82 25.81 1.06
CA GLU B 364 5.94 26.73 1.11
C GLU B 364 7.23 25.94 1.15
N GLU B 365 8.30 26.50 0.60
CA GLU B 365 9.58 25.81 0.61
C GLU B 365 10.40 26.45 1.74
N LEU B 366 10.45 25.75 2.88
CA LEU B 366 11.17 26.22 4.06
C LEU B 366 12.67 26.10 3.94
N ALA B 367 13.12 25.45 2.88
CA ALA B 367 14.54 25.26 2.64
C ALA B 367 14.67 24.56 1.30
N PRO B 368 15.85 24.63 0.69
CA PRO B 368 16.04 23.97 -0.60
C PRO B 368 15.51 22.56 -0.64
N GLY B 369 14.55 22.31 -1.53
CA GLY B 369 13.97 20.98 -1.67
C GLY B 369 13.03 20.53 -0.57
N LEU B 370 12.79 21.40 0.40
CA LEU B 370 11.91 21.09 1.53
C LEU B 370 10.61 21.90 1.50
N HIS B 371 9.48 21.20 1.35
CA HIS B 371 8.18 21.86 1.31
C HIS B 371 7.24 21.43 2.42
N LEU B 372 6.51 22.40 2.95
CA LEU B 372 5.54 22.13 4.01
C LEU B 372 4.14 22.35 3.43
N LEU B 373 3.38 21.26 3.30
CA LEU B 373 2.02 21.27 2.76
C LEU B 373 1.01 21.31 3.88
N LEU B 374 0.15 22.31 3.86
CA LEU B 374 -0.87 22.44 4.88
C LEU B 374 -2.24 22.45 4.23
N GLY B 375 -3.17 21.72 4.85
CA GLY B 375 -4.55 21.64 4.40
C GLY B 375 -5.35 22.62 5.24
N GLY B 376 -5.92 22.17 6.37
CA GLY B 376 -6.66 23.08 7.22
C GLY B 376 -8.18 23.08 7.10
N PRO B 377 -8.88 23.87 7.93
CA PRO B 377 -10.35 23.99 7.96
C PRO B 377 -11.05 24.26 6.62
N LEU B 378 -10.30 24.67 5.60
CA LEU B 378 -10.93 24.92 4.31
C LEU B 378 -10.52 23.88 3.26
N ALA B 379 -9.79 22.86 3.69
CA ALA B 379 -9.33 21.83 2.77
C ALA B 379 -10.42 21.21 1.89
N ASP B 380 -11.66 21.16 2.35
CA ASP B 380 -12.70 20.57 1.53
C ASP B 380 -12.97 21.42 0.28
N THR B 381 -12.75 22.74 0.36
CA THR B 381 -12.98 23.58 -0.81
C THR B 381 -11.73 23.93 -1.61
N LEU B 382 -10.58 23.90 -0.95
CA LEU B 382 -9.31 24.28 -1.58
C LEU B 382 -8.15 23.28 -1.48
N GLY B 383 -8.36 22.13 -0.84
CA GLY B 383 -7.29 21.15 -0.66
C GLY B 383 -6.55 20.62 -1.88
N LEU B 384 -7.26 20.05 -2.85
CA LEU B 384 -6.60 19.51 -4.03
C LEU B 384 -5.75 20.55 -4.74
N ALA B 385 -6.31 21.73 -4.95
CA ALA B 385 -5.61 22.81 -5.63
C ALA B 385 -4.23 23.07 -5.06
N ALA B 386 -4.13 23.12 -3.74
CA ALA B 386 -2.84 23.39 -3.11
C ALA B 386 -1.87 22.23 -3.30
N ALA B 387 -2.39 21.01 -3.39
CA ALA B 387 -1.52 19.85 -3.60
C ALA B 387 -1.04 19.80 -5.06
N HIS B 388 -1.92 20.20 -5.97
CA HIS B 388 -1.57 20.20 -7.38
C HIS B 388 -0.58 21.32 -7.73
N GLU B 389 -0.77 22.48 -7.11
CA GLU B 389 0.09 23.65 -7.29
C GLU B 389 1.50 23.26 -6.83
N LEU B 390 1.60 22.60 -5.69
CA LEU B 390 2.90 22.19 -5.18
C LEU B 390 3.54 21.16 -6.10
N ALA B 391 2.72 20.26 -6.64
CA ALA B 391 3.22 19.22 -7.54
C ALA B 391 3.83 19.84 -8.79
N GLN B 392 3.13 20.83 -9.36
CA GLN B 392 3.60 21.52 -10.56
C GLN B 392 4.97 22.14 -10.32
N ARG B 393 5.09 22.92 -9.25
CA ARG B 393 6.36 23.56 -8.91
C ARG B 393 7.49 22.58 -8.66
N VAL B 394 7.22 21.50 -7.94
CA VAL B 394 8.25 20.51 -7.65
C VAL B 394 8.70 19.84 -8.94
N SER B 395 7.72 19.54 -9.79
CA SER B 395 7.98 18.89 -11.06
C SER B 395 8.83 19.79 -11.96
N ALA B 396 8.55 21.09 -11.95
CA ALA B 396 9.31 22.02 -12.77
C ALA B 396 10.76 22.13 -12.32
N SER B 397 10.99 22.32 -11.02
CA SER B 397 12.36 22.45 -10.54
C SER B 397 13.15 21.14 -10.64
N LEU B 398 12.63 20.20 -11.44
CA LEU B 398 13.28 18.92 -11.67
C LEU B 398 13.53 18.71 -13.16
N GLU B 399 12.81 19.48 -13.99
CA GLU B 399 12.93 19.38 -15.44
C GLU B 399 14.04 20.31 -15.93
#